data_9LX5
#
_entry.id   9LX5
#
_cell.length_a   1.00
_cell.length_b   1.00
_cell.length_c   1.00
_cell.angle_alpha   90.00
_cell.angle_beta   90.00
_cell.angle_gamma   90.00
#
_symmetry.space_group_name_H-M   'P 1'
#
loop_
_entity.id
_entity.type
_entity.pdbx_description
1 polymer 'P2X purinoceptor 1'
2 non-polymer "ADENOSINE-5'-TRIPHOSPHATE"
3 non-polymer CHOLESTEROL
#
_entity_poly.entity_id   1
_entity_poly.type   'polypeptide(L)'
_entity_poly.pdbx_seq_one_letter_code
;KVGVIFRLIQLVVLVYVIGWVFLYEKGYQTSSGLISSVSVKLKGLAVTQLPGLGPQVWDVADYVFPAQGDNSFVVMTNFI
VTPKQTQGYCAEHPEGGICKEDSGCTPGKAKRKAQGIRTGKCVAFNDTVKTCEIFGWCPVEVDDDIPRPALLREAENFTL
FIKNSISFPRFKVNRRNLVEEVNAAHMKTCLFHKTLHPLCPVFQLGYVVQESGQNFSTLAEKGGVVGITIDWHCDLDWHV
RHCRPIYEFHGLYEEKNLSPGFNFRFARHFVENGTNYRHLFKVFGIRFDILVDGKAGKFDIIPTMTTIGSGIGIFGVATV
LCDLLLLHIL
;
_entity_poly.pdbx_strand_id   A,B,C
#
loop_
_chem_comp.id
_chem_comp.type
_chem_comp.name
_chem_comp.formula
ATP non-polymer ADENOSINE-5'-TRIPHOSPHATE 'C10 H16 N5 O13 P3'
CLR non-polymer CHOLESTEROL 'C27 H46 O'
#
# COMPACT_ATOMS: atom_id res chain seq x y z
N LYS A 1 67.94 -13.31 -1.27
CA LYS A 1 66.88 -12.35 -1.54
C LYS A 1 65.56 -13.04 -1.84
N VAL A 2 65.59 -14.38 -1.78
CA VAL A 2 64.37 -15.16 -2.03
C VAL A 2 63.32 -14.85 -0.96
N GLY A 3 63.74 -14.82 0.31
CA GLY A 3 62.80 -14.52 1.37
C GLY A 3 62.25 -13.11 1.28
N VAL A 4 63.10 -12.15 0.94
CA VAL A 4 62.65 -10.76 0.78
C VAL A 4 61.67 -10.65 -0.38
N ILE A 5 61.95 -11.34 -1.49
CA ILE A 5 61.06 -11.33 -2.64
C ILE A 5 59.71 -11.94 -2.27
N PHE A 6 59.74 -13.06 -1.54
CA PHE A 6 58.49 -13.70 -1.13
C PHE A 6 57.69 -12.80 -0.19
N ARG A 7 58.37 -12.13 0.74
CA ARG A 7 57.69 -11.22 1.64
C ARG A 7 57.07 -10.04 0.87
N LEU A 8 57.80 -9.50 -0.10
CA LEU A 8 57.25 -8.41 -0.91
C LEU A 8 56.04 -8.88 -1.71
N ILE A 9 56.11 -10.08 -2.28
CA ILE A 9 54.97 -10.62 -3.03
C ILE A 9 53.76 -10.80 -2.13
N GLN A 10 53.99 -11.32 -0.92
CA GLN A 10 52.89 -11.49 0.03
C GLN A 10 52.28 -10.15 0.42
N LEU A 11 53.13 -9.14 0.66
CA LEU A 11 52.63 -7.82 1.00
C LEU A 11 51.82 -7.22 -0.14
N VAL A 12 52.29 -7.39 -1.38
CA VAL A 12 51.56 -6.87 -2.54
C VAL A 12 50.21 -7.58 -2.67
N VAL A 13 50.19 -8.90 -2.47
CA VAL A 13 48.94 -9.65 -2.55
C VAL A 13 47.98 -9.18 -1.47
N LEU A 14 48.48 -8.96 -0.25
CA LEU A 14 47.62 -8.48 0.83
C LEU A 14 47.07 -7.09 0.52
N VAL A 15 47.90 -6.21 -0.04
CA VAL A 15 47.46 -4.87 -0.39
C VAL A 15 46.37 -4.93 -1.46
N TYR A 16 46.57 -5.77 -2.48
CA TYR A 16 45.55 -5.92 -3.52
C TYR A 16 44.26 -6.48 -2.94
N VAL A 17 44.35 -7.44 -2.02
CA VAL A 17 43.16 -8.01 -1.40
C VAL A 17 42.42 -6.96 -0.58
N ILE A 18 43.16 -6.14 0.17
CA ILE A 18 42.54 -5.07 0.94
C ILE A 18 41.85 -4.07 0.03
N GLY A 19 42.51 -3.70 -1.07
CA GLY A 19 41.90 -2.79 -2.01
C GLY A 19 40.64 -3.34 -2.63
N TRP A 20 40.64 -4.64 -2.96
CA TRP A 20 39.43 -5.26 -3.50
C TRP A 20 38.32 -5.30 -2.47
N VAL A 21 38.66 -5.58 -1.20
CA VAL A 21 37.66 -5.60 -0.14
C VAL A 21 37.04 -4.23 0.04
N PHE A 22 37.87 -3.19 0.03
CA PHE A 22 37.36 -1.83 0.12
C PHE A 22 36.70 -1.38 -1.18
N LEU A 23 36.92 -2.11 -2.27
CA LEU A 23 36.19 -1.87 -3.51
C LEU A 23 34.80 -2.50 -3.43
N TYR A 24 34.00 -2.23 -4.46
CA TYR A 24 32.62 -2.73 -4.54
C TYR A 24 31.77 -2.17 -3.41
N GLU A 25 32.34 -1.25 -2.62
CA GLU A 25 31.67 -0.64 -1.47
C GLU A 25 31.15 -1.69 -0.49
N LYS A 26 31.78 -2.87 -0.48
CA LYS A 26 31.32 -3.94 0.39
C LYS A 26 31.46 -3.57 1.85
N GLY A 27 32.57 -2.92 2.21
CA GLY A 27 32.81 -2.48 3.56
C GLY A 27 33.11 -0.99 3.61
N TYR A 28 33.48 -0.55 4.82
CA TYR A 28 33.90 0.84 5.08
C TYR A 28 32.71 1.80 4.97
N GLN A 29 31.56 1.30 4.57
CA GLN A 29 30.35 2.10 4.44
C GLN A 29 29.18 1.37 5.09
N THR A 30 28.37 2.11 5.83
CA THR A 30 27.20 1.54 6.48
C THR A 30 26.09 1.33 5.44
N SER A 31 25.10 0.52 5.81
CA SER A 31 23.93 0.29 4.97
C SER A 31 22.68 0.67 5.75
N SER A 32 21.84 1.50 5.13
CA SER A 32 20.60 1.94 5.75
C SER A 32 19.48 1.89 4.71
N GLY A 33 18.26 1.69 5.19
CA GLY A 33 17.08 1.68 4.35
C GLY A 33 16.58 3.09 4.10
N LEU A 34 15.33 3.18 3.68
CA LEU A 34 14.72 4.47 3.41
C LEU A 34 13.21 4.38 3.59
N ILE A 35 12.61 5.51 3.96
CA ILE A 35 11.17 5.62 4.03
C ILE A 35 10.73 6.58 2.92
N SER A 36 9.57 6.29 2.33
CA SER A 36 9.17 6.97 1.10
C SER A 36 7.70 7.39 1.17
N SER A 37 7.37 8.39 0.36
CA SER A 37 6.00 8.84 0.18
C SER A 37 5.84 9.34 -1.24
N VAL A 38 4.83 8.83 -1.94
CA VAL A 38 4.63 9.12 -3.36
C VAL A 38 3.25 9.72 -3.55
N SER A 39 3.17 10.79 -4.34
CA SER A 39 1.89 11.38 -4.71
C SER A 39 1.85 11.54 -6.22
N VAL A 40 0.65 11.42 -6.79
CA VAL A 40 0.46 11.49 -8.23
C VAL A 40 -0.62 12.52 -8.55
N LYS A 41 -0.49 13.15 -9.71
CA LYS A 41 -1.40 14.23 -10.11
C LYS A 41 -1.54 14.20 -11.63
N LEU A 42 -2.55 13.49 -12.12
CA LEU A 42 -2.78 13.42 -13.55
C LEU A 42 -3.45 14.70 -14.05
N LYS A 43 -3.32 14.96 -15.35
CA LYS A 43 -3.87 16.16 -15.95
C LYS A 43 -4.26 15.85 -17.38
N GLY A 44 -5.55 15.80 -17.66
CA GLY A 44 -6.00 15.54 -19.03
C GLY A 44 -7.51 15.57 -19.09
N LEU A 45 -8.01 15.46 -20.32
CA LEU A 45 -9.44 15.42 -20.61
C LEU A 45 -9.70 14.27 -21.58
N ALA A 46 -10.97 14.01 -21.84
CA ALA A 46 -11.34 12.94 -22.76
C ALA A 46 -12.77 13.15 -23.24
N VAL A 47 -12.94 13.15 -24.56
CA VAL A 47 -14.28 13.21 -25.15
C VAL A 47 -14.89 11.82 -25.14
N THR A 48 -16.17 11.73 -24.84
CA THR A 48 -16.85 10.44 -24.68
C THR A 48 -18.17 10.43 -25.43
N GLN A 49 -18.13 10.82 -26.71
CA GLN A 49 -19.31 10.74 -27.57
C GLN A 49 -19.84 9.32 -27.62
N LEU A 50 -21.03 9.11 -27.06
CA LEU A 50 -21.63 7.79 -26.91
C LEU A 50 -22.91 7.72 -27.75
N PRO A 51 -23.21 6.57 -28.36
CA PRO A 51 -24.47 6.46 -29.12
C PRO A 51 -25.71 6.65 -28.27
N GLY A 52 -25.60 6.57 -26.95
CA GLY A 52 -26.70 6.90 -26.06
C GLY A 52 -26.88 8.37 -25.79
N LEU A 53 -26.21 9.24 -26.57
CA LEU A 53 -26.29 10.69 -26.44
C LEU A 53 -25.78 11.17 -25.10
N GLY A 54 -25.90 12.47 -24.84
CA GLY A 54 -25.41 13.04 -23.61
C GLY A 54 -23.90 13.03 -23.52
N PRO A 55 -23.24 13.84 -24.34
CA PRO A 55 -21.77 13.89 -24.30
C PRO A 55 -21.26 14.27 -22.91
N GLN A 56 -20.17 13.63 -22.50
CA GLN A 56 -19.62 13.82 -21.17
C GLN A 56 -18.12 14.00 -21.27
N VAL A 57 -17.56 14.66 -20.26
CA VAL A 57 -16.13 14.91 -20.17
C VAL A 57 -15.62 14.32 -18.87
N TRP A 58 -14.55 13.54 -18.96
CA TRP A 58 -13.95 12.88 -17.79
C TRP A 58 -12.76 13.71 -17.33
N ASP A 59 -12.95 14.43 -16.23
CA ASP A 59 -11.96 15.39 -15.74
C ASP A 59 -10.85 14.66 -14.99
N VAL A 60 -9.97 15.42 -14.33
CA VAL A 60 -8.86 14.82 -13.58
C VAL A 60 -9.38 13.98 -12.43
N ALA A 61 -10.48 14.40 -11.81
CA ALA A 61 -11.04 13.69 -10.67
C ALA A 61 -12.04 12.61 -11.06
N ASP A 62 -12.23 12.37 -12.36
CA ASP A 62 -13.24 11.43 -12.83
C ASP A 62 -12.68 10.09 -13.28
N TYR A 63 -11.39 10.02 -13.66
CA TYR A 63 -10.80 8.74 -14.04
C TYR A 63 -9.76 8.21 -13.08
N VAL A 64 -9.01 9.08 -12.38
CA VAL A 64 -8.09 8.60 -11.37
C VAL A 64 -8.92 8.10 -10.20
N PHE A 65 -8.96 6.79 -10.00
CA PHE A 65 -10.01 6.25 -9.14
C PHE A 65 -9.74 6.38 -7.65
N PRO A 66 -8.51 6.19 -7.15
CA PRO A 66 -8.25 6.60 -5.77
C PRO A 66 -8.53 8.07 -5.55
N ALA A 67 -8.36 8.90 -6.57
CA ALA A 67 -8.71 10.31 -6.64
C ALA A 67 -7.88 11.16 -5.70
N GLN A 68 -6.98 10.58 -4.91
CA GLN A 68 -6.13 11.35 -4.02
C GLN A 68 -4.68 10.87 -4.02
N GLY A 69 -4.34 9.93 -4.90
CA GLY A 69 -2.95 9.50 -4.99
C GLY A 69 -2.75 8.02 -4.74
N ASP A 70 -2.05 7.70 -3.64
CA ASP A 70 -1.69 6.34 -3.25
C ASP A 70 -0.71 5.71 -4.24
N ASN A 71 0.03 4.70 -3.81
CA ASN A 71 1.01 4.07 -4.68
C ASN A 71 0.34 3.38 -5.86
N SER A 72 -0.67 2.55 -5.58
CA SER A 72 -1.35 1.79 -6.61
C SER A 72 -2.65 2.52 -6.97
N PHE A 73 -2.68 3.11 -8.16
CA PHE A 73 -3.85 3.82 -8.64
C PHE A 73 -4.20 3.32 -10.04
N VAL A 74 -5.46 3.52 -10.41
CA VAL A 74 -6.01 3.03 -11.67
C VAL A 74 -6.53 4.21 -12.47
N VAL A 75 -6.17 4.25 -13.75
CA VAL A 75 -6.65 5.27 -14.67
C VAL A 75 -7.65 4.62 -15.61
N MET A 76 -8.88 5.12 -15.60
CA MET A 76 -9.93 4.57 -16.45
C MET A 76 -9.51 4.65 -17.92
N THR A 77 -9.77 3.58 -18.67
CA THR A 77 -9.43 3.56 -20.08
C THR A 77 -10.63 3.16 -20.92
N ASN A 78 -11.52 2.34 -20.37
CA ASN A 78 -12.74 1.96 -21.07
C ASN A 78 -13.78 1.58 -20.02
N PHE A 79 -15.05 1.57 -20.44
CA PHE A 79 -16.12 1.28 -19.51
C PHE A 79 -17.37 0.86 -20.27
N ILE A 80 -18.26 0.18 -19.55
CA ILE A 80 -19.56 -0.24 -20.07
C ILE A 80 -20.60 0.22 -19.05
N VAL A 81 -21.18 1.38 -19.26
CA VAL A 81 -22.10 1.98 -18.31
C VAL A 81 -23.50 1.46 -18.53
N THR A 82 -24.19 1.14 -17.44
CA THR A 82 -25.60 0.75 -17.46
C THR A 82 -26.33 1.68 -16.50
N PRO A 83 -26.81 2.82 -16.99
CA PRO A 83 -27.36 3.84 -16.09
C PRO A 83 -28.77 3.49 -15.62
N LYS A 84 -29.19 4.18 -14.57
CA LYS A 84 -30.54 4.09 -14.03
C LYS A 84 -30.88 2.65 -13.64
N GLN A 85 -30.16 2.14 -12.65
CA GLN A 85 -30.37 0.81 -12.11
C GLN A 85 -31.15 0.91 -10.80
N THR A 86 -32.22 0.14 -10.69
CA THR A 86 -33.06 0.15 -9.50
C THR A 86 -33.40 -1.27 -9.10
N GLN A 87 -33.88 -1.43 -7.87
CA GLN A 87 -34.18 -2.75 -7.34
C GLN A 87 -35.59 -3.17 -7.75
N GLY A 88 -35.71 -4.41 -8.24
CA GLY A 88 -37.00 -4.94 -8.62
C GLY A 88 -36.93 -6.27 -9.35
N TYR A 89 -37.97 -7.08 -9.22
CA TYR A 89 -38.00 -8.38 -9.88
C TYR A 89 -38.00 -8.20 -11.39
N CYS A 90 -37.05 -8.85 -12.07
CA CYS A 90 -37.02 -8.82 -13.54
C CYS A 90 -36.04 -9.87 -14.02
N ALA A 91 -35.85 -9.93 -15.34
CA ALA A 91 -35.09 -11.01 -15.96
C ALA A 91 -33.64 -11.00 -15.51
N GLU A 92 -33.08 -12.20 -15.39
CA GLU A 92 -31.69 -12.37 -15.01
C GLU A 92 -30.80 -12.25 -16.24
N HIS A 93 -29.56 -12.59 -16.10
CA HIS A 93 -28.58 -12.58 -17.17
C HIS A 93 -28.31 -13.99 -17.66
N PRO A 94 -27.96 -14.17 -18.93
CA PRO A 94 -27.55 -15.50 -19.41
C PRO A 94 -26.26 -15.95 -18.76
N GLU A 95 -25.75 -17.12 -19.16
CA GLU A 95 -24.58 -17.78 -18.58
C GLU A 95 -24.70 -17.93 -17.06
N GLY A 96 -25.92 -17.82 -16.54
CA GLY A 96 -26.17 -18.04 -15.13
C GLY A 96 -27.35 -18.96 -14.92
N GLY A 97 -27.89 -19.47 -16.03
CA GLY A 97 -29.06 -20.33 -15.99
C GLY A 97 -29.98 -20.09 -17.16
N ILE A 98 -30.57 -21.15 -17.70
CA ILE A 98 -31.50 -21.07 -18.82
C ILE A 98 -32.85 -21.62 -18.37
N CYS A 99 -33.89 -20.85 -18.60
CA CYS A 99 -35.25 -21.20 -18.18
C CYS A 99 -35.98 -21.84 -19.35
N LYS A 100 -36.46 -23.07 -19.16
CA LYS A 100 -37.22 -23.74 -20.22
C LYS A 100 -38.71 -23.52 -20.04
N GLU A 101 -39.29 -24.02 -18.96
CA GLU A 101 -40.67 -23.70 -18.61
C GLU A 101 -40.81 -23.80 -17.09
N ASP A 102 -40.60 -22.66 -16.41
CA ASP A 102 -40.81 -22.50 -14.97
C ASP A 102 -40.21 -23.67 -14.17
N SER A 103 -39.16 -24.29 -14.69
CA SER A 103 -38.54 -25.43 -14.03
C SER A 103 -37.03 -25.41 -13.99
N GLY A 104 -36.36 -24.64 -14.85
CA GLY A 104 -34.91 -24.68 -14.87
C GLY A 104 -34.28 -24.11 -13.61
N CYS A 105 -34.90 -23.11 -13.02
CA CYS A 105 -34.33 -22.41 -11.87
C CYS A 105 -35.22 -22.59 -10.65
N THR A 106 -34.58 -22.82 -9.50
CA THR A 106 -35.25 -22.97 -8.22
C THR A 106 -34.98 -21.76 -7.33
N PRO A 107 -35.90 -21.42 -6.44
CA PRO A 107 -35.69 -20.26 -5.56
C PRO A 107 -34.45 -20.43 -4.69
N GLY A 108 -33.74 -19.32 -4.48
CA GLY A 108 -32.53 -19.33 -3.68
C GLY A 108 -31.34 -18.73 -4.40
N LYS A 109 -30.32 -18.34 -3.64
CA LYS A 109 -29.12 -17.79 -4.23
C LYS A 109 -28.36 -18.85 -5.00
N ALA A 110 -27.89 -18.50 -6.19
CA ALA A 110 -27.11 -19.43 -7.01
C ALA A 110 -25.70 -19.55 -6.46
N LYS A 111 -25.09 -20.70 -6.73
CA LYS A 111 -23.72 -20.93 -6.28
C LYS A 111 -22.73 -20.11 -7.10
N ARG A 112 -21.59 -19.81 -6.48
CA ARG A 112 -20.50 -19.06 -7.11
C ARG A 112 -21.03 -17.68 -7.49
N LYS A 113 -20.89 -17.25 -8.75
CA LYS A 113 -21.35 -15.92 -9.13
C LYS A 113 -22.87 -15.85 -9.11
N ALA A 114 -23.40 -14.81 -8.48
CA ALA A 114 -24.83 -14.62 -8.35
C ALA A 114 -25.19 -13.20 -8.77
N GLN A 115 -26.41 -13.05 -9.30
CA GLN A 115 -26.89 -11.75 -9.74
C GLN A 115 -28.09 -11.25 -8.97
N GLY A 116 -28.79 -12.12 -8.26
CA GLY A 116 -29.93 -11.68 -7.46
C GLY A 116 -30.59 -12.87 -6.79
N ILE A 117 -31.52 -12.55 -5.90
CA ILE A 117 -32.25 -13.56 -5.14
C ILE A 117 -33.26 -14.20 -6.09
N ARG A 118 -32.94 -15.38 -6.59
CA ARG A 118 -33.82 -16.05 -7.54
C ARG A 118 -35.14 -16.43 -6.88
N THR A 119 -36.24 -16.19 -7.59
CA THR A 119 -37.57 -16.54 -7.12
C THR A 119 -38.19 -17.69 -7.88
N GLY A 120 -37.84 -17.88 -9.14
CA GLY A 120 -38.34 -18.99 -9.92
C GLY A 120 -39.44 -18.59 -10.90
N LYS A 121 -39.06 -18.40 -12.15
CA LYS A 121 -39.97 -18.04 -13.24
C LYS A 121 -39.18 -17.99 -14.52
N CYS A 122 -39.89 -18.11 -15.65
CA CYS A 122 -39.30 -18.00 -16.97
C CYS A 122 -39.74 -16.68 -17.57
N VAL A 123 -38.96 -15.63 -17.30
CA VAL A 123 -39.25 -14.29 -17.80
C VAL A 123 -38.46 -14.09 -19.08
N ALA A 124 -39.15 -13.64 -20.14
CA ALA A 124 -38.56 -13.57 -21.47
C ALA A 124 -37.56 -12.43 -21.54
N PHE A 125 -36.27 -12.78 -21.51
CA PHE A 125 -35.23 -11.81 -21.84
C PHE A 125 -35.32 -11.44 -23.30
N ASN A 126 -35.09 -10.16 -23.62
CA ASN A 126 -35.25 -9.69 -24.98
C ASN A 126 -34.04 -10.06 -25.84
N ASP A 127 -33.67 -11.34 -25.82
CA ASP A 127 -32.61 -11.83 -26.69
C ASP A 127 -32.95 -13.21 -27.25
N THR A 128 -34.25 -13.54 -27.35
CA THR A 128 -34.74 -14.77 -27.96
C THR A 128 -34.45 -15.95 -27.03
N VAL A 129 -33.71 -15.69 -25.95
CA VAL A 129 -33.38 -16.68 -24.94
C VAL A 129 -34.08 -16.29 -23.64
N LYS A 130 -34.85 -17.21 -23.07
CA LYS A 130 -35.56 -16.96 -21.83
C LYS A 130 -34.74 -17.46 -20.65
N THR A 131 -34.57 -16.61 -19.65
CA THR A 131 -33.80 -16.93 -18.45
C THR A 131 -34.69 -16.79 -17.21
N CYS A 132 -34.06 -16.91 -16.04
CA CYS A 132 -34.78 -16.86 -14.78
C CYS A 132 -35.12 -15.42 -14.40
N GLU A 133 -35.98 -15.29 -13.41
CA GLU A 133 -36.37 -13.99 -12.86
C GLU A 133 -35.74 -13.83 -11.47
N ILE A 134 -35.08 -12.69 -11.24
CA ILE A 134 -34.36 -12.45 -10.01
C ILE A 134 -34.79 -11.11 -9.44
N PHE A 135 -34.58 -10.95 -8.13
CA PHE A 135 -34.85 -9.72 -7.40
C PHE A 135 -33.53 -9.04 -7.09
N GLY A 136 -33.24 -7.96 -7.80
CA GLY A 136 -32.01 -7.24 -7.61
C GLY A 136 -32.01 -5.98 -8.43
N TRP A 137 -30.81 -5.50 -8.74
CA TRP A 137 -30.67 -4.34 -9.62
C TRP A 137 -31.24 -4.68 -10.99
N CYS A 138 -32.36 -4.05 -11.35
CA CYS A 138 -33.19 -4.57 -12.43
C CYS A 138 -32.51 -4.56 -13.79
N PRO A 139 -31.96 -3.45 -14.31
CA PRO A 139 -31.27 -3.52 -15.60
C PRO A 139 -29.90 -4.16 -15.43
N VAL A 140 -29.78 -5.40 -15.87
CA VAL A 140 -28.55 -6.16 -15.67
C VAL A 140 -27.49 -5.71 -16.67
N GLU A 141 -26.23 -6.03 -16.35
CA GLU A 141 -25.13 -5.61 -17.21
C GLU A 141 -25.05 -6.45 -18.47
N VAL A 142 -24.48 -5.85 -19.51
CA VAL A 142 -24.18 -6.54 -20.76
C VAL A 142 -22.70 -6.24 -21.06
N ASP A 143 -21.81 -7.11 -20.61
CA ASP A 143 -20.38 -6.91 -20.77
C ASP A 143 -19.82 -7.57 -22.02
N ASP A 144 -20.66 -8.18 -22.84
CA ASP A 144 -20.18 -8.81 -24.06
C ASP A 144 -19.61 -7.79 -25.04
N ASP A 145 -20.27 -6.64 -25.16
CA ASP A 145 -19.88 -5.61 -26.15
C ASP A 145 -18.81 -4.68 -25.57
N ILE A 146 -17.63 -5.25 -25.34
CA ILE A 146 -16.49 -4.44 -24.91
C ILE A 146 -16.16 -3.43 -25.99
N PRO A 147 -15.99 -2.15 -25.67
CA PRO A 147 -15.83 -1.13 -26.71
C PRO A 147 -14.50 -1.23 -27.43
N ARG A 148 -14.53 -1.73 -28.67
CA ARG A 148 -13.31 -1.81 -29.47
C ARG A 148 -12.67 -0.45 -29.74
N PRO A 149 -13.40 0.62 -30.10
CA PRO A 149 -12.72 1.90 -30.40
C PRO A 149 -12.02 2.53 -29.20
N ALA A 150 -12.13 1.90 -28.03
CA ALA A 150 -11.41 2.35 -26.83
C ALA A 150 -11.80 3.78 -26.46
N LEU A 151 -13.07 3.91 -26.03
CA LEU A 151 -13.72 5.19 -25.78
C LEU A 151 -12.83 6.24 -25.11
N LEU A 152 -11.96 5.83 -24.20
CA LEU A 152 -11.07 6.75 -23.52
C LEU A 152 -9.61 6.44 -23.85
N ARG A 153 -9.34 6.18 -25.14
CA ARG A 153 -7.96 5.99 -25.59
C ARG A 153 -7.17 7.29 -25.55
N GLU A 154 -7.85 8.44 -25.56
CA GLU A 154 -7.17 9.74 -25.54
C GLU A 154 -6.39 9.94 -24.25
N ALA A 155 -6.41 8.93 -23.37
CA ALA A 155 -5.52 8.89 -22.22
C ALA A 155 -4.07 8.65 -22.61
N GLU A 156 -3.79 8.49 -23.90
CA GLU A 156 -2.41 8.33 -24.35
C GLU A 156 -1.56 9.57 -24.11
N ASN A 157 -2.19 10.73 -23.94
CA ASN A 157 -1.47 12.00 -23.82
C ASN A 157 -1.53 12.60 -22.42
N PHE A 158 -1.97 11.83 -21.43
CA PHE A 158 -2.04 12.35 -20.06
C PHE A 158 -0.64 12.56 -19.51
N THR A 159 -0.53 13.43 -18.52
CA THR A 159 0.76 13.75 -17.91
C THR A 159 0.71 13.40 -16.42
N LEU A 160 1.37 12.30 -16.07
CA LEU A 160 1.49 11.87 -14.68
C LEU A 160 2.61 12.64 -14.00
N PHE A 161 2.37 13.06 -12.76
CA PHE A 161 3.35 13.84 -11.99
C PHE A 161 3.66 13.09 -10.71
N ILE A 162 4.79 12.41 -10.68
CA ILE A 162 5.18 11.60 -9.52
C ILE A 162 6.05 12.46 -8.61
N LYS A 163 5.47 12.91 -7.50
CA LYS A 163 6.19 13.66 -6.48
C LYS A 163 6.58 12.69 -5.37
N ASN A 164 7.88 12.43 -5.24
CA ASN A 164 8.41 11.44 -4.31
C ASN A 164 9.28 12.12 -3.28
N SER A 165 9.03 11.82 -2.01
CA SER A 165 9.83 12.35 -0.91
C SER A 165 10.31 11.18 -0.06
N ILE A 166 11.61 11.13 0.22
CA ILE A 166 12.17 10.03 1.01
C ILE A 166 12.98 10.60 2.14
N SER A 167 13.19 9.76 3.15
CA SER A 167 14.06 10.08 4.27
C SER A 167 14.92 8.86 4.57
N PHE A 168 16.23 9.07 4.69
CA PHE A 168 17.14 8.08 5.23
C PHE A 168 17.33 8.39 6.70
N PRO A 169 16.88 7.54 7.61
CA PRO A 169 17.25 7.68 9.02
C PRO A 169 18.63 7.11 9.27
N ARG A 170 19.11 7.33 10.51
CA ARG A 170 20.45 6.98 10.97
C ARG A 170 21.47 7.92 10.34
N PHE A 171 21.03 8.68 9.34
CA PHE A 171 21.73 9.86 8.86
C PHE A 171 20.86 11.09 8.88
N LYS A 172 19.55 10.94 9.05
CA LYS A 172 18.61 12.05 9.12
C LYS A 172 18.74 12.95 7.89
N VAL A 173 18.75 12.33 6.71
CA VAL A 173 18.87 13.08 5.46
C VAL A 173 17.63 12.82 4.62
N ASN A 174 16.93 13.89 4.25
CA ASN A 174 15.68 13.78 3.52
C ASN A 174 15.86 14.41 2.14
N ARG A 175 15.35 13.73 1.12
CA ARG A 175 15.44 14.19 -0.25
C ARG A 175 14.07 14.12 -0.89
N ARG A 176 13.95 14.75 -2.07
CA ARG A 176 12.70 14.78 -2.82
C ARG A 176 12.97 14.41 -4.26
N ASN A 177 11.89 14.09 -4.97
CA ASN A 177 12.01 13.75 -6.38
C ASN A 177 12.48 14.94 -7.20
N LEU A 178 11.97 16.14 -6.89
CA LEU A 178 12.32 17.32 -7.67
C LEU A 178 13.74 17.77 -7.34
N VAL A 179 14.72 17.16 -8.00
CA VAL A 179 16.11 17.51 -7.78
C VAL A 179 16.32 18.98 -8.11
N GLU A 180 17.21 19.63 -7.34
CA GLU A 180 17.46 21.06 -7.49
C GLU A 180 17.80 21.46 -8.92
N GLU A 181 18.21 20.50 -9.76
CA GLU A 181 18.40 20.80 -11.17
C GLU A 181 17.09 21.20 -11.83
N VAL A 182 16.00 20.50 -11.51
CA VAL A 182 14.69 20.80 -12.08
C VAL A 182 14.10 21.99 -11.31
N ASN A 183 13.75 23.04 -12.04
CA ASN A 183 13.22 24.26 -11.46
C ASN A 183 11.82 24.52 -12.00
N ALA A 184 11.25 25.67 -11.64
CA ALA A 184 9.89 26.00 -12.05
C ALA A 184 9.80 26.16 -13.57
N ALA A 185 10.82 26.76 -14.18
CA ALA A 185 10.81 26.94 -15.63
C ALA A 185 10.86 25.62 -16.38
N HIS A 186 11.25 24.53 -15.73
CA HIS A 186 11.29 23.22 -16.34
C HIS A 186 10.07 22.38 -16.00
N MET A 187 8.92 23.03 -15.77
CA MET A 187 7.68 22.33 -15.46
C MET A 187 6.52 22.82 -16.32
N LYS A 188 6.78 23.68 -17.29
CA LYS A 188 5.76 24.13 -18.24
C LYS A 188 5.93 23.55 -19.63
N THR A 189 7.16 23.20 -20.02
CA THR A 189 7.45 22.58 -21.30
C THR A 189 8.26 21.31 -21.12
N CYS A 190 7.96 20.55 -20.07
CA CYS A 190 8.74 19.38 -19.70
C CYS A 190 8.02 18.09 -20.08
N LEU A 191 8.76 17.18 -20.70
CA LEU A 191 8.36 15.80 -20.87
C LEU A 191 9.41 14.91 -20.21
N PHE A 192 9.26 13.60 -20.34
CA PHE A 192 10.20 12.65 -19.77
C PHE A 192 10.77 11.76 -20.86
N HIS A 193 12.09 11.67 -20.91
CA HIS A 193 12.80 10.76 -21.79
C HIS A 193 13.97 10.15 -21.03
N LYS A 194 14.18 8.85 -21.21
CA LYS A 194 15.17 8.14 -20.42
C LYS A 194 16.60 8.57 -20.71
N THR A 195 16.84 9.29 -21.79
CA THR A 195 18.18 9.77 -22.13
C THR A 195 18.31 11.28 -22.20
N LEU A 196 17.28 11.98 -22.65
CA LEU A 196 17.36 13.42 -22.84
C LEU A 196 17.06 14.21 -21.56
N HIS A 197 15.95 13.90 -20.90
CA HIS A 197 15.56 14.55 -19.65
C HIS A 197 15.24 13.48 -18.61
N PRO A 198 16.26 12.89 -17.99
CA PRO A 198 16.02 11.82 -17.00
C PRO A 198 15.77 12.31 -15.58
N LEU A 199 15.52 13.59 -15.38
CA LEU A 199 15.30 14.13 -14.04
C LEU A 199 13.91 14.72 -13.86
N CYS A 200 13.33 15.32 -14.88
CA CYS A 200 12.01 15.92 -14.76
C CYS A 200 10.96 14.83 -14.56
N PRO A 201 10.13 14.93 -13.50
CA PRO A 201 9.25 13.81 -13.16
C PRO A 201 7.92 13.79 -13.88
N VAL A 202 7.65 14.72 -14.81
CA VAL A 202 6.37 14.75 -15.49
C VAL A 202 6.34 13.74 -16.62
N PHE A 203 5.94 12.51 -16.32
CA PHE A 203 5.89 11.46 -17.32
C PHE A 203 4.61 11.57 -18.14
N GLN A 204 4.62 10.89 -19.28
CA GLN A 204 3.45 10.81 -20.15
C GLN A 204 3.00 9.35 -20.18
N LEU A 205 1.69 9.13 -20.02
CA LEU A 205 1.19 7.76 -19.89
C LEU A 205 1.48 6.95 -21.14
N GLY A 206 1.33 7.56 -22.32
CA GLY A 206 1.69 6.87 -23.54
C GLY A 206 3.15 6.45 -23.54
N TYR A 207 4.04 7.35 -23.15
CA TYR A 207 5.45 7.02 -23.12
C TYR A 207 5.77 5.99 -22.03
N VAL A 208 5.14 6.11 -20.86
CA VAL A 208 5.39 5.15 -19.79
C VAL A 208 5.01 3.75 -20.24
N VAL A 209 3.84 3.62 -20.87
CA VAL A 209 3.43 2.31 -21.35
C VAL A 209 4.33 1.84 -22.49
N GLN A 210 4.77 2.75 -23.35
CA GLN A 210 5.64 2.37 -24.45
C GLN A 210 6.97 1.82 -23.95
N GLU A 211 7.56 2.46 -22.95
CA GLU A 211 8.79 1.95 -22.36
C GLU A 211 8.55 0.79 -21.43
N SER A 212 7.30 0.53 -21.05
CA SER A 212 6.95 -0.65 -20.28
C SER A 212 7.06 -1.93 -21.07
N GLY A 213 7.26 -1.86 -22.38
CA GLY A 213 7.25 -3.04 -23.22
C GLY A 213 5.87 -3.46 -23.68
N GLN A 214 4.84 -2.66 -23.42
CA GLN A 214 3.47 -2.96 -23.82
C GLN A 214 3.03 -1.96 -24.86
N ASN A 215 2.59 -2.46 -26.02
CA ASN A 215 2.06 -1.58 -27.04
C ASN A 215 0.69 -1.07 -26.62
N PHE A 216 0.47 0.23 -26.84
CA PHE A 216 -0.82 0.82 -26.51
C PHE A 216 -1.85 0.48 -27.58
N SER A 217 -3.08 0.91 -27.36
CA SER A 217 -4.23 0.71 -28.24
C SER A 217 -4.66 -0.75 -28.33
N THR A 218 -3.93 -1.66 -27.69
CA THR A 218 -4.37 -3.04 -27.52
C THR A 218 -4.57 -3.43 -26.08
N LEU A 219 -3.92 -2.76 -25.13
CA LEU A 219 -4.25 -2.92 -23.73
C LEU A 219 -5.23 -1.86 -23.24
N ALA A 220 -5.65 -0.95 -24.12
CA ALA A 220 -6.66 0.04 -23.73
C ALA A 220 -8.05 -0.58 -23.66
N GLU A 221 -8.34 -1.56 -24.52
CA GLU A 221 -9.64 -2.23 -24.47
C GLU A 221 -9.84 -2.92 -23.13
N LYS A 222 -8.82 -3.65 -22.67
CA LYS A 222 -8.83 -4.30 -21.36
C LYS A 222 -7.55 -3.88 -20.66
N GLY A 223 -7.68 -2.99 -19.67
CA GLY A 223 -6.50 -2.36 -19.11
C GLY A 223 -5.53 -3.37 -18.53
N GLY A 224 -4.25 -3.16 -18.80
CA GLY A 224 -3.20 -4.01 -18.29
C GLY A 224 -2.67 -3.52 -16.95
N VAL A 225 -1.42 -3.86 -16.67
CA VAL A 225 -0.74 -3.46 -15.44
C VAL A 225 0.61 -2.90 -15.82
N VAL A 226 0.99 -1.78 -15.21
CA VAL A 226 2.29 -1.15 -15.44
C VAL A 226 2.95 -0.93 -14.08
N GLY A 227 4.23 -1.24 -13.99
CA GLY A 227 4.96 -1.04 -12.76
C GLY A 227 6.14 -0.08 -12.89
N ILE A 228 6.09 1.02 -12.16
CA ILE A 228 7.17 2.01 -12.15
C ILE A 228 7.96 1.83 -10.87
N THR A 229 9.29 1.85 -10.97
CA THR A 229 10.16 1.73 -9.82
C THR A 229 11.14 2.89 -9.81
N ILE A 230 11.25 3.54 -8.66
CA ILE A 230 12.14 4.67 -8.48
C ILE A 230 13.30 4.25 -7.57
N ASP A 231 14.39 3.78 -8.17
CA ASP A 231 15.55 3.38 -7.39
C ASP A 231 16.30 4.61 -6.90
N TRP A 232 16.62 4.64 -5.61
CA TRP A 232 17.37 5.72 -4.99
C TRP A 232 18.68 5.14 -4.48
N HIS A 233 19.70 5.10 -5.33
CA HIS A 233 21.02 4.60 -4.96
C HIS A 233 21.94 5.81 -4.79
N CYS A 234 22.31 6.11 -3.55
CA CYS A 234 23.10 7.29 -3.26
C CYS A 234 24.21 6.95 -2.28
N ASP A 235 25.29 7.71 -2.35
CA ASP A 235 26.40 7.62 -1.41
C ASP A 235 26.54 8.95 -0.70
N LEU A 236 26.51 8.90 0.64
CA LEU A 236 26.55 10.12 1.43
C LEU A 236 27.96 10.65 1.65
N ASP A 237 28.99 9.94 1.16
CA ASP A 237 30.35 10.46 1.28
C ASP A 237 30.50 11.78 0.55
N TRP A 238 29.94 11.88 -0.65
CA TRP A 238 30.00 13.12 -1.43
C TRP A 238 28.88 14.04 -0.98
N HIS A 239 28.69 15.13 -1.71
CA HIS A 239 27.61 16.06 -1.40
C HIS A 239 26.25 15.42 -1.66
N VAL A 240 25.23 15.94 -0.96
CA VAL A 240 23.88 15.40 -1.14
C VAL A 240 23.33 15.73 -2.52
N ARG A 241 23.94 16.69 -3.23
CA ARG A 241 23.46 17.08 -4.54
C ARG A 241 23.55 15.95 -5.56
N HIS A 242 24.41 14.95 -5.31
CA HIS A 242 24.57 13.83 -6.22
C HIS A 242 23.61 12.69 -5.92
N CYS A 243 22.49 12.97 -5.25
CA CYS A 243 21.46 11.98 -4.94
C CYS A 243 20.36 12.11 -5.99
N ARG A 244 20.38 11.23 -6.98
CA ARG A 244 19.42 11.29 -8.08
C ARG A 244 18.75 9.93 -8.23
N PRO A 245 17.49 9.91 -8.66
CA PRO A 245 16.78 8.65 -8.80
C PRO A 245 16.89 8.08 -10.21
N ILE A 246 16.64 6.77 -10.32
CA ILE A 246 16.59 6.07 -11.59
C ILE A 246 15.20 5.48 -11.73
N TYR A 247 14.53 5.80 -12.83
CA TYR A 247 13.19 5.31 -13.10
C TYR A 247 13.28 4.10 -14.02
N GLU A 248 12.68 2.99 -13.61
CA GLU A 248 12.61 1.79 -14.43
C GLU A 248 11.18 1.28 -14.46
N PHE A 249 10.62 1.14 -15.65
CA PHE A 249 9.23 0.74 -15.82
C PHE A 249 9.21 -0.74 -16.23
N HIS A 250 9.22 -1.63 -15.25
CA HIS A 250 9.11 -3.06 -15.53
C HIS A 250 7.64 -3.39 -15.75
N GLY A 251 7.21 -3.25 -17.00
CA GLY A 251 5.85 -3.59 -17.36
C GLY A 251 5.74 -5.08 -17.61
N LEU A 252 4.82 -5.72 -16.89
CA LEU A 252 4.64 -7.16 -16.95
C LEU A 252 3.84 -7.49 -18.21
N TYR A 253 4.54 -7.49 -19.34
CA TYR A 253 3.90 -7.54 -20.65
C TYR A 253 3.50 -8.98 -20.99
N GLU A 254 2.18 -9.21 -21.07
CA GLU A 254 1.66 -10.51 -21.48
C GLU A 254 0.87 -10.42 -22.78
N GLU A 255 -0.16 -9.58 -22.84
CA GLU A 255 -1.02 -9.32 -24.00
C GLU A 255 -1.86 -10.52 -24.42
N LYS A 256 -1.71 -11.68 -23.78
CA LYS A 256 -2.51 -12.85 -24.09
C LYS A 256 -2.39 -13.89 -22.98
N ASN A 257 -3.51 -14.31 -22.42
CA ASN A 257 -3.52 -15.27 -21.31
C ASN A 257 -4.95 -15.77 -21.12
N LEU A 258 -5.15 -16.55 -20.06
CA LEU A 258 -6.48 -17.06 -19.75
C LEU A 258 -7.42 -15.93 -19.32
N SER A 259 -6.95 -15.05 -18.44
CA SER A 259 -7.74 -13.90 -17.96
C SER A 259 -6.90 -12.64 -18.04
N PRO A 260 -6.71 -12.09 -19.25
CA PRO A 260 -5.81 -10.96 -19.42
C PRO A 260 -6.51 -9.63 -19.21
N GLY A 261 -5.85 -8.74 -18.48
CA GLY A 261 -6.34 -7.39 -18.32
C GLY A 261 -7.03 -7.09 -17.01
N PHE A 262 -6.87 -5.87 -16.52
CA PHE A 262 -7.51 -5.42 -15.31
C PHE A 262 -8.95 -5.02 -15.59
N ASN A 263 -9.79 -5.13 -14.56
CA ASN A 263 -11.22 -4.92 -14.73
C ASN A 263 -11.85 -4.82 -13.35
N PHE A 264 -12.73 -3.84 -13.17
CA PHE A 264 -13.42 -3.73 -11.88
C PHE A 264 -14.73 -2.98 -12.06
N ARG A 265 -15.72 -3.38 -11.27
CA ARG A 265 -17.02 -2.71 -11.25
C ARG A 265 -17.05 -1.67 -10.14
N PHE A 266 -17.67 -0.53 -10.42
CA PHE A 266 -17.83 0.49 -9.41
C PHE A 266 -19.13 1.23 -9.67
N ALA A 267 -19.84 1.59 -8.60
CA ALA A 267 -21.17 2.15 -8.73
C ALA A 267 -21.29 3.40 -7.88
N ARG A 268 -21.99 4.40 -8.41
CA ARG A 268 -22.30 5.63 -7.69
C ARG A 268 -23.81 5.73 -7.50
N HIS A 269 -24.23 5.99 -6.27
CA HIS A 269 -25.64 6.00 -5.92
C HIS A 269 -26.18 7.42 -5.90
N PHE A 270 -27.48 7.54 -6.14
CA PHE A 270 -28.18 8.82 -5.99
C PHE A 270 -29.65 8.54 -5.78
N VAL A 271 -30.40 9.61 -5.53
CA VAL A 271 -31.83 9.53 -5.28
C VAL A 271 -32.54 10.44 -6.28
N GLU A 272 -33.50 9.87 -6.99
CA GLU A 272 -34.29 10.62 -7.96
C GLU A 272 -35.76 10.27 -7.78
N ASN A 273 -36.60 11.30 -7.69
CA ASN A 273 -38.05 11.13 -7.54
C ASN A 273 -38.40 10.29 -6.32
N GLY A 274 -37.59 10.37 -5.27
CA GLY A 274 -37.82 9.58 -4.08
C GLY A 274 -37.43 8.12 -4.18
N THR A 275 -36.74 7.72 -5.23
CA THR A 275 -36.31 6.34 -5.41
C THR A 275 -34.78 6.30 -5.52
N ASN A 276 -34.19 5.29 -4.89
CA ASN A 276 -32.74 5.13 -4.90
C ASN A 276 -32.32 4.44 -6.20
N TYR A 277 -31.48 5.11 -6.98
CA TYR A 277 -30.98 4.57 -8.24
C TYR A 277 -29.49 4.27 -8.09
N ARG A 278 -28.85 3.92 -9.20
CA ARG A 278 -27.44 3.57 -9.17
C ARG A 278 -26.88 3.59 -10.58
N HIS A 279 -25.72 4.21 -10.76
CA HIS A 279 -24.99 4.17 -12.02
C HIS A 279 -23.81 3.23 -11.84
N LEU A 280 -23.76 2.17 -12.65
CA LEU A 280 -22.74 1.15 -12.51
C LEU A 280 -21.83 1.16 -13.74
N PHE A 281 -20.52 1.19 -13.50
CA PHE A 281 -19.51 1.21 -14.55
C PHE A 281 -18.63 -0.01 -14.40
N LYS A 282 -18.39 -0.71 -15.50
CA LYS A 282 -17.43 -1.81 -15.54
C LYS A 282 -16.17 -1.25 -16.19
N VAL A 283 -15.28 -0.69 -15.37
CA VAL A 283 -14.12 0.04 -15.85
C VAL A 283 -12.97 -0.92 -16.09
N PHE A 284 -12.38 -0.84 -17.27
CA PHE A 284 -11.08 -1.42 -17.55
C PHE A 284 -10.07 -0.28 -17.59
N GLY A 285 -9.02 -0.38 -16.78
CA GLY A 285 -8.02 0.66 -16.73
C GLY A 285 -6.66 0.10 -16.40
N ILE A 286 -5.63 0.89 -16.69
CA ILE A 286 -4.25 0.50 -16.46
C ILE A 286 -3.86 0.91 -15.05
N ARG A 287 -3.39 -0.06 -14.26
CA ARG A 287 -2.99 0.17 -12.88
C ARG A 287 -1.49 0.42 -12.82
N PHE A 288 -1.09 1.48 -12.13
CA PHE A 288 0.32 1.83 -11.97
C PHE A 288 0.75 1.54 -10.54
N ASP A 289 1.80 0.75 -10.38
CA ASP A 289 2.38 0.46 -9.08
C ASP A 289 3.73 1.15 -8.99
N ILE A 290 3.88 2.03 -8.00
CA ILE A 290 5.12 2.79 -7.85
C ILE A 290 5.90 2.25 -6.66
N LEU A 291 6.81 1.32 -6.93
CA LEU A 291 7.62 0.72 -5.88
C LEU A 291 8.90 1.53 -5.70
N VAL A 292 9.23 1.82 -4.44
CA VAL A 292 10.38 2.66 -4.12
C VAL A 292 11.28 1.90 -3.17
N ASP A 293 12.57 1.81 -3.51
CA ASP A 293 13.55 1.18 -2.66
C ASP A 293 14.92 1.79 -2.95
N GLY A 294 15.82 1.63 -2.00
CA GLY A 294 17.15 2.19 -2.15
C GLY A 294 18.02 1.82 -0.97
N LYS A 295 19.28 2.22 -1.05
CA LYS A 295 20.25 1.97 0.01
C LYS A 295 21.32 3.05 -0.05
N ALA A 296 21.60 3.66 1.08
CA ALA A 296 22.62 4.70 1.18
C ALA A 296 23.48 4.46 2.40
N GLY A 297 24.73 4.92 2.34
CA GLY A 297 25.63 4.76 3.45
C GLY A 297 26.69 5.84 3.45
N LYS A 298 27.41 5.92 4.57
CA LYS A 298 28.43 6.93 4.76
C LYS A 298 29.56 6.35 5.58
N PHE A 299 30.50 7.20 5.99
CA PHE A 299 31.66 6.76 6.74
C PHE A 299 31.26 6.35 8.16
N ASP A 300 31.73 5.18 8.59
CA ASP A 300 31.60 4.73 9.96
C ASP A 300 32.84 3.94 10.32
N ILE A 301 33.31 4.11 11.56
CA ILE A 301 34.62 3.55 11.91
C ILE A 301 34.51 2.07 12.29
N ILE A 302 33.37 1.64 12.83
CA ILE A 302 33.21 0.23 13.20
C ILE A 302 33.27 -0.69 12.00
N PRO A 303 32.51 -0.45 10.91
CA PRO A 303 32.68 -1.31 9.73
C PRO A 303 34.07 -1.26 9.15
N THR A 304 34.74 -0.11 9.19
CA THR A 304 36.11 -0.04 8.70
C THR A 304 37.04 -0.92 9.51
N MET A 305 36.92 -0.88 10.84
CA MET A 305 37.75 -1.74 11.67
C MET A 305 37.45 -3.21 11.43
N THR A 306 36.17 -3.57 11.29
CA THR A 306 35.82 -4.96 11.04
C THR A 306 36.37 -5.43 9.70
N THR A 307 36.29 -4.58 8.67
CA THR A 307 36.81 -4.96 7.37
C THR A 307 38.32 -5.10 7.40
N ILE A 308 39.01 -4.22 8.14
CA ILE A 308 40.47 -4.33 8.22
C ILE A 308 40.86 -5.60 8.98
N GLY A 309 40.07 -5.97 9.99
CA GLY A 309 40.35 -7.22 10.68
C GLY A 309 40.12 -8.43 9.80
N SER A 310 39.03 -8.42 9.03
CA SER A 310 38.79 -9.52 8.09
C SER A 310 39.88 -9.59 7.03
N GLY A 311 40.36 -8.44 6.58
CA GLY A 311 41.47 -8.43 5.63
C GLY A 311 42.74 -9.01 6.21
N ILE A 312 43.05 -8.67 7.46
CA ILE A 312 44.22 -9.26 8.13
C ILE A 312 44.05 -10.77 8.24
N GLY A 313 42.85 -11.22 8.62
CA GLY A 313 42.61 -12.65 8.74
C GLY A 313 42.77 -13.39 7.43
N ILE A 314 42.19 -12.85 6.35
CA ILE A 314 42.29 -13.53 5.06
C ILE A 314 43.72 -13.45 4.52
N PHE A 315 44.45 -12.38 4.83
CA PHE A 315 45.87 -12.34 4.46
C PHE A 315 46.66 -13.42 5.19
N GLY A 316 46.37 -13.62 6.48
CA GLY A 316 47.02 -14.70 7.20
C GLY A 316 46.67 -16.07 6.62
N VAL A 317 45.40 -16.26 6.24
CA VAL A 317 44.99 -17.53 5.63
C VAL A 317 45.72 -17.73 4.30
N ALA A 318 45.85 -16.66 3.51
CA ALA A 318 46.56 -16.77 2.24
C ALA A 318 48.03 -17.09 2.45
N THR A 319 48.66 -16.50 3.46
CA THR A 319 50.04 -16.85 3.77
C THR A 319 50.17 -18.30 4.20
N VAL A 320 49.20 -18.79 4.99
CA VAL A 320 49.21 -20.19 5.38
C VAL A 320 49.10 -21.09 4.16
N LEU A 321 48.20 -20.75 3.23
CA LEU A 321 48.05 -21.54 2.01
C LEU A 321 49.31 -21.51 1.17
N CYS A 322 49.96 -20.35 1.06
CA CYS A 322 51.18 -20.25 0.29
C CYS A 322 52.30 -21.10 0.90
N ASP A 323 52.42 -21.05 2.23
CA ASP A 323 53.41 -21.89 2.90
C ASP A 323 53.10 -23.38 2.69
N LEU A 324 51.82 -23.75 2.76
CA LEU A 324 51.45 -25.15 2.55
C LEU A 324 51.79 -25.61 1.15
N LEU A 325 51.49 -24.80 0.14
CA LEU A 325 51.80 -25.20 -1.24
C LEU A 325 53.30 -25.18 -1.50
N LEU A 326 54.05 -24.29 -0.84
CA LEU A 326 55.50 -24.32 -0.95
C LEU A 326 56.09 -25.57 -0.31
N LEU A 327 55.46 -26.06 0.76
CA LEU A 327 55.91 -27.29 1.39
C LEU A 327 55.79 -28.47 0.43
N HIS A 328 54.71 -28.53 -0.34
CA HIS A 328 54.50 -29.60 -1.30
C HIS A 328 55.50 -29.50 -2.45
N VAL B 4 53.61 -21.69 28.78
CA VAL B 4 52.20 -21.79 29.14
C VAL B 4 51.54 -20.42 29.09
N ILE B 5 52.36 -19.37 29.18
CA ILE B 5 51.83 -18.01 29.12
C ILE B 5 51.22 -17.73 27.76
N PHE B 6 51.90 -18.14 26.68
CA PHE B 6 51.36 -17.94 25.34
C PHE B 6 50.06 -18.71 25.14
N ARG B 7 50.00 -19.94 25.63
CA ARG B 7 48.77 -20.73 25.50
C ARG B 7 47.63 -20.09 26.28
N LEU B 8 47.91 -19.61 27.49
CA LEU B 8 46.88 -18.94 28.27
C LEU B 8 46.39 -17.67 27.59
N ILE B 9 47.32 -16.90 27.01
CA ILE B 9 46.93 -15.68 26.30
C ILE B 9 46.07 -16.02 25.09
N GLN B 10 46.44 -17.07 24.35
CA GLN B 10 45.65 -17.49 23.20
C GLN B 10 44.26 -17.93 23.61
N LEU B 11 44.16 -18.70 24.70
CA LEU B 11 42.86 -19.14 25.19
C LEU B 11 42.00 -17.96 25.62
N VAL B 12 42.62 -16.98 26.31
CA VAL B 12 41.88 -15.80 26.74
C VAL B 12 41.37 -15.02 25.53
N VAL B 13 42.22 -14.86 24.51
CA VAL B 13 41.80 -14.15 23.30
C VAL B 13 40.66 -14.89 22.62
N LEU B 14 40.74 -16.22 22.56
CA LEU B 14 39.70 -17.01 21.90
C LEU B 14 38.38 -16.88 22.63
N VAL B 15 38.39 -16.99 23.97
CA VAL B 15 37.13 -16.91 24.71
C VAL B 15 36.57 -15.50 24.65
N TYR B 16 37.43 -14.48 24.65
CA TYR B 16 36.94 -13.11 24.50
C TYR B 16 36.29 -12.92 23.14
N VAL B 17 36.89 -13.47 22.09
CA VAL B 17 36.31 -13.36 20.75
C VAL B 17 34.96 -14.08 20.69
N ILE B 18 34.88 -15.26 21.30
CA ILE B 18 33.63 -16.01 21.31
C ILE B 18 32.55 -15.22 22.03
N GLY B 19 32.89 -14.65 23.19
CA GLY B 19 31.92 -13.85 23.92
C GLY B 19 31.48 -12.62 23.16
N TRP B 20 32.42 -11.94 22.49
CA TRP B 20 32.08 -10.78 21.69
C TRP B 20 31.13 -11.17 20.56
N VAL B 21 31.41 -12.28 19.88
CA VAL B 21 30.55 -12.72 18.80
C VAL B 21 29.15 -13.05 19.32
N PHE B 22 29.07 -13.73 20.46
CA PHE B 22 27.78 -14.18 20.96
C PHE B 22 26.95 -13.03 21.51
N LEU B 23 27.59 -12.05 22.13
CA LEU B 23 26.84 -11.01 22.83
C LEU B 23 26.69 -9.72 22.04
N TYR B 24 27.53 -9.46 21.05
CA TYR B 24 27.41 -8.22 20.28
C TYR B 24 26.37 -8.36 19.17
N GLU B 25 26.60 -9.28 18.23
CA GLU B 25 25.70 -9.45 17.10
C GLU B 25 24.56 -10.41 17.38
N LYS B 26 24.55 -11.05 18.55
CA LYS B 26 23.52 -12.03 18.92
C LYS B 26 23.40 -13.10 17.83
N GLY B 27 24.50 -13.79 17.59
CA GLY B 27 24.55 -14.80 16.55
C GLY B 27 23.94 -16.13 16.90
N TYR B 28 23.47 -16.30 18.13
CA TYR B 28 22.87 -17.56 18.56
C TYR B 28 21.38 -17.62 18.30
N GLN B 29 20.80 -16.61 17.67
CA GLN B 29 19.37 -16.59 17.36
C GLN B 29 19.16 -16.27 15.89
N THR B 30 18.08 -16.81 15.33
CA THR B 30 17.74 -16.60 13.94
C THR B 30 17.03 -15.26 13.78
N SER B 31 16.45 -15.02 12.61
CA SER B 31 15.75 -13.78 12.34
C SER B 31 14.50 -14.09 11.52
N SER B 32 13.53 -13.17 11.59
CA SER B 32 12.27 -13.34 10.88
C SER B 32 11.84 -11.99 10.32
N GLY B 33 10.91 -12.06 9.36
CA GLY B 33 10.36 -10.87 8.75
C GLY B 33 9.21 -10.32 9.56
N LEU B 34 8.37 -9.53 8.88
CA LEU B 34 7.24 -8.91 9.55
C LEU B 34 6.08 -8.75 8.59
N ILE B 35 4.92 -9.26 8.98
CA ILE B 35 3.66 -9.05 8.28
C ILE B 35 2.73 -8.31 9.24
N SER B 36 2.22 -7.17 8.81
CA SER B 36 1.47 -6.30 9.69
C SER B 36 0.24 -5.76 8.99
N SER B 37 -0.76 -5.37 9.79
CA SER B 37 -1.95 -4.70 9.32
C SER B 37 -2.18 -3.46 10.16
N VAL B 38 -2.59 -2.36 9.52
CA VAL B 38 -2.76 -1.08 10.17
C VAL B 38 -4.19 -0.61 9.98
N SER B 39 -4.84 -0.21 11.08
CA SER B 39 -6.19 0.33 11.05
C SER B 39 -6.19 1.69 11.73
N VAL B 40 -6.64 2.72 11.01
CA VAL B 40 -6.61 4.09 11.49
C VAL B 40 -8.04 4.61 11.61
N LYS B 41 -8.35 5.21 12.75
CA LYS B 41 -9.70 5.68 13.04
C LYS B 41 -9.62 7.07 13.68
N LEU B 42 -9.71 8.11 12.86
CA LEU B 42 -9.72 9.47 13.38
C LEU B 42 -11.04 9.75 14.08
N LYS B 43 -11.02 10.75 14.96
CA LYS B 43 -12.22 11.12 15.71
C LYS B 43 -12.11 12.60 16.08
N GLY B 44 -12.78 13.45 15.31
CA GLY B 44 -12.76 14.87 15.58
C GLY B 44 -13.86 15.55 14.80
N LEU B 45 -13.90 16.87 14.92
CA LEU B 45 -14.91 17.66 14.23
C LEU B 45 -14.32 19.02 13.89
N ALA B 46 -14.83 19.63 12.82
CA ALA B 46 -14.38 20.95 12.41
C ALA B 46 -15.47 21.60 11.58
N VAL B 47 -15.76 22.86 11.88
CA VAL B 47 -16.83 23.60 11.22
C VAL B 47 -16.22 24.74 10.42
N THR B 48 -16.75 24.95 9.21
CA THR B 48 -16.29 26.00 8.32
C THR B 48 -17.40 26.99 8.09
N GLN B 49 -17.15 28.26 8.43
CA GLN B 49 -18.11 29.34 8.19
C GLN B 49 -17.83 29.96 6.83
N LEU B 50 -18.19 29.22 5.79
CA LEU B 50 -17.95 29.67 4.42
C LEU B 50 -18.78 30.92 4.12
N PRO B 51 -18.25 31.83 3.30
CA PRO B 51 -18.99 33.05 2.97
C PRO B 51 -20.24 32.83 2.13
N GLY B 52 -20.57 31.59 1.79
CA GLY B 52 -21.75 31.26 1.03
C GLY B 52 -23.01 31.08 1.86
N LEU B 53 -22.96 31.37 3.16
CA LEU B 53 -24.10 31.19 4.05
C LEU B 53 -24.60 29.74 4.03
N GLY B 54 -23.66 28.81 3.97
CA GLY B 54 -23.97 27.40 3.89
C GLY B 54 -23.22 26.55 4.90
N PRO B 55 -23.13 27.01 6.17
CA PRO B 55 -22.19 26.38 7.12
C PRO B 55 -22.32 24.87 7.22
N GLN B 56 -21.25 24.16 6.85
CA GLN B 56 -21.21 22.71 6.88
C GLN B 56 -20.48 22.22 8.12
N VAL B 57 -20.69 20.94 8.43
CA VAL B 57 -20.04 20.28 9.55
C VAL B 57 -19.30 19.07 9.01
N TRP B 58 -17.98 19.03 9.23
CA TRP B 58 -17.13 17.95 8.72
C TRP B 58 -16.82 16.99 9.85
N ASP B 59 -17.23 15.73 9.68
CA ASP B 59 -17.11 14.71 10.70
C ASP B 59 -16.20 13.58 10.23
N VAL B 60 -16.20 12.48 10.99
CA VAL B 60 -15.22 11.41 10.80
C VAL B 60 -15.22 10.90 9.37
N ALA B 61 -16.39 10.84 8.74
CA ALA B 61 -16.53 10.28 7.40
C ALA B 61 -16.37 11.33 6.30
N ASP B 62 -16.08 12.58 6.65
CA ASP B 62 -16.04 13.65 5.68
C ASP B 62 -14.65 14.18 5.36
N TYR B 63 -13.67 13.99 6.26
CA TYR B 63 -12.32 14.46 5.98
C TYR B 63 -11.28 13.35 5.86
N VAL B 64 -11.44 12.21 6.54
CA VAL B 64 -10.55 11.08 6.33
C VAL B 64 -10.93 10.47 4.98
N PHE B 65 -10.18 10.78 3.93
CA PHE B 65 -10.63 10.42 2.59
C PHE B 65 -10.67 8.92 2.35
N PRO B 66 -9.63 8.13 2.63
CA PRO B 66 -9.81 6.68 2.62
C PRO B 66 -10.54 6.26 3.89
N ALA B 67 -11.84 6.00 3.76
CA ALA B 67 -12.67 5.75 4.94
C ALA B 67 -12.19 4.51 5.69
N GLN B 68 -11.78 3.47 4.96
CA GLN B 68 -11.26 2.28 5.61
C GLN B 68 -9.96 2.55 6.35
N GLY B 69 -9.28 3.65 6.05
CA GLY B 69 -8.04 3.98 6.72
C GLY B 69 -6.89 3.08 6.33
N ASP B 70 -6.40 3.22 5.10
CA ASP B 70 -5.30 2.40 4.62
C ASP B 70 -4.01 2.74 5.38
N ASN B 71 -2.92 2.11 4.97
CA ASN B 71 -1.63 2.43 5.55
C ASN B 71 -1.27 3.88 5.32
N SER B 72 -1.49 4.38 4.11
CA SER B 72 -1.27 5.77 3.76
C SER B 72 -2.61 6.43 3.48
N PHE B 73 -2.90 7.50 4.21
CA PHE B 73 -4.19 8.17 4.06
C PHE B 73 -3.99 9.68 4.08
N VAL B 74 -5.09 10.40 3.88
CA VAL B 74 -5.06 11.86 3.74
C VAL B 74 -6.15 12.45 4.62
N VAL B 75 -5.82 13.55 5.29
CA VAL B 75 -6.74 14.27 6.15
C VAL B 75 -6.94 15.67 5.58
N MET B 76 -8.20 16.08 5.45
CA MET B 76 -8.52 17.44 5.04
C MET B 76 -7.87 18.45 5.96
N THR B 77 -7.31 19.50 5.38
CA THR B 77 -6.92 20.68 6.15
C THR B 77 -7.25 21.99 5.47
N ASN B 78 -7.75 21.97 4.23
CA ASN B 78 -8.10 23.16 3.49
C ASN B 78 -8.78 22.74 2.20
N PHE B 79 -9.64 23.61 1.69
CA PHE B 79 -10.35 23.29 0.45
C PHE B 79 -10.89 24.58 -0.15
N ILE B 80 -11.09 24.56 -1.46
CA ILE B 80 -11.76 25.64 -2.18
C ILE B 80 -12.86 25.02 -3.02
N VAL B 81 -14.06 24.93 -2.46
CA VAL B 81 -15.15 24.24 -3.12
C VAL B 81 -15.58 25.03 -4.35
N THR B 82 -15.98 24.30 -5.40
CA THR B 82 -16.51 24.89 -6.63
C THR B 82 -17.81 24.17 -6.94
N PRO B 83 -18.91 24.59 -6.33
CA PRO B 83 -20.14 23.81 -6.39
C PRO B 83 -20.99 24.11 -7.62
N LYS B 84 -21.97 23.24 -7.86
CA LYS B 84 -22.94 23.38 -8.95
C LYS B 84 -22.24 23.45 -10.31
N GLN B 85 -21.58 22.34 -10.65
CA GLN B 85 -20.89 22.20 -11.93
C GLN B 85 -21.68 21.26 -12.82
N THR B 86 -22.00 21.72 -14.03
CA THR B 86 -22.62 20.84 -15.02
C THR B 86 -21.81 20.87 -16.31
N GLN B 87 -22.33 20.26 -17.37
CA GLN B 87 -21.65 20.20 -18.66
C GLN B 87 -22.23 21.27 -19.57
N GLY B 88 -21.37 22.17 -20.04
CA GLY B 88 -21.81 23.25 -20.87
C GLY B 88 -20.63 24.02 -21.44
N TYR B 89 -20.94 25.12 -22.12
CA TYR B 89 -19.93 25.96 -22.76
C TYR B 89 -19.75 27.24 -21.95
N CYS B 90 -18.50 27.59 -21.68
CA CYS B 90 -18.25 28.93 -21.14
C CYS B 90 -16.80 29.31 -21.42
N ALA B 91 -16.30 30.33 -20.75
CA ALA B 91 -14.95 30.81 -20.95
C ALA B 91 -13.93 29.96 -20.22
N GLU B 92 -12.83 29.66 -20.90
CA GLU B 92 -11.75 28.86 -20.32
C GLU B 92 -10.99 29.66 -19.28
N HIS B 93 -10.36 28.95 -18.36
CA HIS B 93 -9.60 29.61 -17.31
C HIS B 93 -8.37 30.27 -17.94
N PRO B 94 -7.94 31.43 -17.43
CA PRO B 94 -6.95 32.23 -18.18
C PRO B 94 -5.61 31.53 -18.41
N GLU B 95 -5.26 30.50 -17.64
CA GLU B 95 -4.01 29.80 -17.91
C GLU B 95 -4.01 29.12 -19.28
N GLY B 96 -5.18 28.88 -19.86
CA GLY B 96 -5.21 28.35 -21.22
C GLY B 96 -4.65 29.31 -22.25
N GLY B 97 -4.89 30.60 -22.06
CA GLY B 97 -4.38 31.59 -22.98
C GLY B 97 -5.18 32.88 -22.86
N ILE B 98 -4.87 33.81 -23.76
CA ILE B 98 -5.56 35.09 -23.86
C ILE B 98 -6.17 35.20 -25.25
N CYS B 99 -7.44 35.58 -25.31
CA CYS B 99 -8.15 35.63 -26.59
C CYS B 99 -7.54 36.67 -27.53
N LYS B 100 -7.51 37.93 -27.09
CA LYS B 100 -7.24 39.06 -27.98
C LYS B 100 -8.21 39.03 -29.15
N GLU B 101 -7.72 38.62 -30.33
CA GLU B 101 -8.59 38.50 -31.48
C GLU B 101 -9.41 37.22 -31.41
N ASP B 102 -10.52 37.19 -32.14
CA ASP B 102 -11.40 36.03 -32.15
C ASP B 102 -10.73 34.81 -32.79
N SER B 103 -9.68 35.01 -33.58
CA SER B 103 -8.98 33.91 -34.24
C SER B 103 -7.89 33.30 -33.37
N GLY B 104 -7.67 33.81 -32.16
CA GLY B 104 -6.66 33.23 -31.30
C GLY B 104 -6.98 31.81 -30.88
N CYS B 105 -8.24 31.55 -30.52
CA CYS B 105 -8.64 30.21 -30.12
C CYS B 105 -8.72 29.30 -31.33
N THR B 106 -8.35 28.04 -31.13
CA THR B 106 -8.39 27.04 -32.19
C THR B 106 -9.11 25.80 -31.70
N PRO B 107 -9.75 25.06 -32.60
CA PRO B 107 -10.41 23.81 -32.20
C PRO B 107 -9.41 22.77 -31.72
N GLY B 108 -9.88 21.90 -30.84
CA GLY B 108 -9.07 20.82 -30.30
C GLY B 108 -8.69 21.08 -28.86
N LYS B 109 -8.29 20.00 -28.19
CA LYS B 109 -7.87 20.11 -26.79
C LYS B 109 -6.51 20.80 -26.70
N ALA B 110 -6.18 21.25 -25.49
CA ALA B 110 -4.90 21.88 -25.25
C ALA B 110 -3.78 20.86 -25.31
N LYS B 111 -2.55 21.32 -25.13
CA LYS B 111 -1.40 20.44 -25.23
C LYS B 111 -1.19 19.65 -23.95
N ARG B 112 -0.89 20.34 -22.84
CA ARG B 112 -0.52 19.68 -21.59
C ARG B 112 -1.70 19.52 -20.65
N LYS B 113 -2.30 20.62 -20.22
CA LYS B 113 -3.39 20.62 -19.24
C LYS B 113 -4.64 21.14 -19.94
N ALA B 114 -5.47 20.23 -20.42
CA ALA B 114 -6.68 20.59 -21.14
C ALA B 114 -7.81 20.85 -20.14
N GLN B 115 -8.59 21.90 -20.41
CA GLN B 115 -9.77 22.20 -19.61
C GLN B 115 -11.07 21.99 -20.37
N GLY B 116 -11.03 21.92 -21.68
CA GLY B 116 -12.23 21.73 -22.47
C GLY B 116 -11.87 21.45 -23.91
N ILE B 117 -12.91 21.23 -24.71
CA ILE B 117 -12.72 20.91 -26.12
C ILE B 117 -12.23 22.12 -26.91
N ARG B 118 -12.47 23.32 -26.41
CA ARG B 118 -12.03 24.57 -27.06
C ARG B 118 -12.59 24.67 -28.48
N THR B 119 -13.92 24.77 -28.56
CA THR B 119 -14.59 24.83 -29.85
C THR B 119 -14.16 26.06 -30.64
N GLY B 120 -13.92 27.18 -29.95
CA GLY B 120 -13.48 28.39 -30.60
C GLY B 120 -14.49 29.52 -30.56
N LYS B 121 -14.26 30.45 -29.63
CA LYS B 121 -15.01 31.69 -29.52
C LYS B 121 -14.18 32.62 -28.65
N CYS B 122 -14.74 33.76 -28.28
CA CYS B 122 -13.96 34.73 -27.50
C CYS B 122 -14.82 35.31 -26.37
N VAL B 123 -15.48 34.42 -25.62
CA VAL B 123 -16.29 34.87 -24.50
C VAL B 123 -15.41 35.46 -23.40
N ALA B 124 -16.00 36.32 -22.59
CA ALA B 124 -15.26 37.05 -21.56
C ALA B 124 -15.31 36.29 -20.25
N PHE B 125 -14.15 35.81 -19.81
CA PHE B 125 -14.08 35.12 -18.52
C PHE B 125 -14.28 36.10 -17.37
N ASN B 126 -13.63 37.26 -17.42
CA ASN B 126 -13.76 38.31 -16.43
C ASN B 126 -14.28 39.58 -17.11
N ASP B 127 -14.33 40.67 -16.35
CA ASP B 127 -14.78 41.94 -16.92
C ASP B 127 -13.76 42.52 -17.89
N THR B 128 -12.51 42.09 -17.83
CA THR B 128 -11.47 42.62 -18.70
C THR B 128 -10.58 41.56 -19.34
N VAL B 129 -10.75 40.29 -19.01
CA VAL B 129 -9.92 39.22 -19.54
C VAL B 129 -10.81 38.22 -20.26
N LYS B 130 -10.49 37.96 -21.53
CA LYS B 130 -11.18 36.96 -22.33
C LYS B 130 -10.15 35.95 -22.82
N THR B 131 -10.46 34.66 -22.68
CA THR B 131 -9.49 33.61 -22.96
C THR B 131 -9.88 32.74 -24.15
N CYS B 132 -11.01 32.06 -24.08
CA CYS B 132 -11.43 31.07 -25.08
C CYS B 132 -12.81 30.59 -24.69
N GLU B 133 -13.36 29.68 -25.48
CA GLU B 133 -14.62 29.02 -25.19
C GLU B 133 -14.40 27.51 -25.16
N ILE B 134 -14.76 26.89 -24.04
CA ILE B 134 -14.58 25.45 -23.86
C ILE B 134 -15.89 24.84 -23.43
N PHE B 135 -16.06 23.57 -23.79
CA PHE B 135 -17.22 22.77 -23.41
C PHE B 135 -16.78 21.66 -22.48
N GLY B 136 -17.39 21.60 -21.31
CA GLY B 136 -17.04 20.62 -20.29
C GLY B 136 -17.68 21.00 -18.97
N TRP B 137 -17.00 20.64 -17.88
CA TRP B 137 -17.44 21.05 -16.54
C TRP B 137 -17.19 22.53 -16.35
N CYS B 138 -17.85 23.31 -17.20
CA CYS B 138 -17.54 24.70 -17.46
C CYS B 138 -18.08 25.67 -16.42
N PRO B 139 -19.42 25.66 -16.12
CA PRO B 139 -20.06 26.81 -15.44
C PRO B 139 -19.23 27.47 -14.34
N VAL B 140 -18.64 26.67 -13.47
CA VAL B 140 -17.79 27.19 -12.40
C VAL B 140 -16.46 26.45 -12.47
N GLU B 141 -15.36 27.19 -12.41
CA GLU B 141 -14.03 26.63 -12.53
C GLU B 141 -13.22 26.91 -11.27
N VAL B 142 -12.33 25.98 -10.93
CA VAL B 142 -11.48 26.16 -9.76
C VAL B 142 -10.45 27.25 -10.03
N ASP B 143 -10.14 28.04 -9.01
CA ASP B 143 -9.20 29.15 -9.11
C ASP B 143 -8.06 28.95 -8.10
N ASP B 144 -7.20 29.97 -8.01
CA ASP B 144 -6.08 29.99 -7.07
C ASP B 144 -6.41 31.03 -6.00
N ASP B 145 -7.15 30.61 -5.00
CA ASP B 145 -7.58 31.47 -3.90
C ASP B 145 -7.42 30.74 -2.58
N ILE B 146 -6.24 30.15 -2.36
CA ILE B 146 -5.97 29.34 -1.18
C ILE B 146 -6.25 30.18 0.07
N PRO B 147 -7.11 29.70 0.97
CA PRO B 147 -7.55 30.54 2.10
C PRO B 147 -6.45 30.69 3.14
N ARG B 148 -6.00 31.93 3.33
CA ARG B 148 -5.01 32.21 4.38
C ARG B 148 -5.49 31.82 5.77
N PRO B 149 -6.74 32.10 6.19
CA PRO B 149 -7.16 31.67 7.54
C PRO B 149 -7.18 30.16 7.70
N ALA B 150 -6.94 29.43 6.61
CA ALA B 150 -6.79 27.98 6.63
C ALA B 150 -8.06 27.30 7.15
N LEU B 151 -9.12 27.41 6.33
CA LEU B 151 -10.38 26.75 6.64
C LEU B 151 -10.15 25.28 6.98
N LEU B 152 -11.09 24.71 7.74
CA LEU B 152 -10.91 23.39 8.34
C LEU B 152 -9.62 23.36 9.15
N ARG B 153 -9.42 24.39 9.95
CA ARG B 153 -8.33 24.46 10.90
C ARG B 153 -8.68 23.61 12.11
N GLU B 154 -7.97 23.81 13.21
CA GLU B 154 -8.14 23.06 14.46
C GLU B 154 -8.14 21.56 14.20
N ALA B 155 -7.55 21.13 13.09
CA ALA B 155 -7.27 19.72 12.86
C ALA B 155 -6.14 19.22 13.74
N GLU B 156 -5.45 20.11 14.45
CA GLU B 156 -4.40 19.70 15.37
C GLU B 156 -4.96 19.19 16.70
N ASN B 157 -6.28 19.08 16.83
CA ASN B 157 -6.88 18.50 18.03
C ASN B 157 -7.52 17.14 17.79
N PHE B 158 -7.39 16.59 16.58
CA PHE B 158 -7.96 15.28 16.29
C PHE B 158 -7.15 14.19 17.01
N THR B 159 -7.76 13.02 17.14
CA THR B 159 -7.11 11.89 17.81
C THR B 159 -6.98 10.73 16.83
N LEU B 160 -5.76 10.52 16.33
CA LEU B 160 -5.47 9.33 15.55
C LEU B 160 -5.51 8.10 16.44
N PHE B 161 -5.66 6.94 15.82
CA PHE B 161 -5.75 5.67 16.55
C PHE B 161 -5.21 4.58 15.64
N ILE B 162 -3.98 4.13 15.92
CA ILE B 162 -3.31 3.14 15.09
C ILE B 162 -3.42 1.79 15.80
N LYS B 163 -4.24 0.91 15.25
CA LYS B 163 -4.44 -0.43 15.82
C LYS B 163 -3.57 -1.44 15.05
N ASN B 164 -2.26 -1.25 15.16
CA ASN B 164 -1.31 -2.09 14.46
C ASN B 164 -1.33 -3.51 15.00
N SER B 165 -1.03 -4.47 14.13
CA SER B 165 -0.97 -5.87 14.53
C SER B 165 0.29 -6.48 13.93
N ILE B 166 0.83 -7.48 14.64
CA ILE B 166 2.09 -8.10 14.28
C ILE B 166 1.90 -9.61 14.18
N SER B 167 2.69 -10.24 13.32
CA SER B 167 2.49 -11.65 12.98
C SER B 167 3.61 -12.56 13.49
N PHE B 168 4.86 -12.29 13.09
CA PHE B 168 6.01 -13.13 13.43
C PHE B 168 5.73 -14.58 13.06
N PRO B 169 5.75 -14.92 11.77
CA PRO B 169 5.21 -16.21 11.32
C PRO B 169 5.98 -17.42 11.80
N ARG B 170 7.31 -17.39 11.67
CA ARG B 170 8.10 -18.59 11.95
C ARG B 170 7.98 -19.01 13.40
N PHE B 171 8.03 -18.05 14.33
CA PHE B 171 7.86 -18.37 15.74
C PHE B 171 6.40 -18.51 16.14
N LYS B 172 5.48 -18.12 15.26
CA LYS B 172 4.04 -18.26 15.48
C LYS B 172 3.60 -17.56 16.77
N VAL B 173 4.20 -16.40 17.05
CA VAL B 173 3.83 -15.58 18.19
C VAL B 173 3.18 -14.31 17.68
N ASN B 174 1.95 -14.05 18.15
CA ASN B 174 1.14 -12.95 17.66
C ASN B 174 1.10 -11.84 18.71
N ARG B 175 1.38 -10.62 18.29
CA ARG B 175 1.33 -9.45 19.16
C ARG B 175 0.58 -8.34 18.45
N ARG B 176 -0.01 -7.45 19.25
CA ARG B 176 -0.78 -6.33 18.74
C ARG B 176 -0.32 -5.05 19.40
N ASN B 177 -0.41 -3.94 18.66
CA ASN B 177 -0.05 -2.63 19.20
C ASN B 177 -0.96 -2.25 20.36
N LEU B 178 -2.26 -2.49 20.22
CA LEU B 178 -3.22 -1.98 21.19
C LEU B 178 -2.98 -2.56 22.58
N VAL B 179 -2.71 -3.85 22.65
CA VAL B 179 -2.56 -4.54 23.93
C VAL B 179 -1.09 -4.51 24.29
N GLU B 180 -0.70 -3.56 25.14
CA GLU B 180 0.60 -3.58 25.80
C GLU B 180 0.54 -4.34 27.11
N GLU B 181 -0.43 -5.26 27.25
CA GLU B 181 -0.67 -6.09 28.42
C GLU B 181 -1.24 -5.26 29.57
N VAL B 182 -1.26 -3.94 29.42
CA VAL B 182 -2.03 -3.09 30.32
C VAL B 182 -2.63 -1.92 29.54
N ASN B 183 -3.91 -2.04 29.17
CA ASN B 183 -4.66 -0.93 28.62
C ASN B 183 -6.15 -1.24 28.77
N ALA B 184 -6.77 -0.68 29.79
CA ALA B 184 -8.21 -0.91 29.95
C ALA B 184 -8.99 0.38 30.14
N ALA B 185 -8.48 1.32 30.93
CA ALA B 185 -9.10 2.62 31.14
C ALA B 185 -8.19 3.75 30.70
N HIS B 186 -7.02 3.45 30.13
CA HIS B 186 -6.11 4.43 29.59
C HIS B 186 -6.44 4.81 28.16
N MET B 187 -7.68 4.58 27.72
CA MET B 187 -8.12 4.94 26.39
C MET B 187 -9.16 6.05 26.36
N LYS B 188 -9.89 6.25 27.46
CA LYS B 188 -10.87 7.32 27.51
C LYS B 188 -10.18 8.68 27.60
N THR B 189 -9.16 8.80 28.45
CA THR B 189 -8.41 10.05 28.64
C THR B 189 -6.93 9.74 28.54
N CYS B 190 -6.40 9.75 27.31
CA CYS B 190 -4.97 9.56 27.11
C CYS B 190 -4.51 10.39 25.92
N LEU B 191 -3.22 10.71 25.93
CA LEU B 191 -2.56 11.34 24.81
C LEU B 191 -1.34 10.53 24.44
N PHE B 192 -0.45 11.08 23.62
CA PHE B 192 0.81 10.43 23.29
C PHE B 192 1.96 11.39 23.55
N HIS B 193 2.84 11.02 24.48
CA HIS B 193 4.06 11.76 24.75
C HIS B 193 5.24 10.81 24.63
N LYS B 194 6.32 11.28 24.01
CA LYS B 194 7.45 10.39 23.74
C LYS B 194 8.12 9.89 25.01
N THR B 195 7.95 10.57 26.14
CA THR B 195 8.55 10.17 27.39
C THR B 195 7.57 9.85 28.50
N LEU B 196 6.39 10.48 28.51
CA LEU B 196 5.43 10.30 29.59
C LEU B 196 4.51 9.11 29.37
N HIS B 197 3.85 9.05 28.21
CA HIS B 197 2.95 7.95 27.86
C HIS B 197 3.34 7.41 26.49
N PRO B 198 4.40 6.60 26.42
CA PRO B 198 4.84 6.06 25.12
C PRO B 198 4.14 4.78 24.68
N LEU B 199 3.02 4.41 25.31
CA LEU B 199 2.31 3.19 24.97
C LEU B 199 0.92 3.41 24.41
N CYS B 200 0.21 4.44 24.86
CA CYS B 200 -1.15 4.68 24.39
C CYS B 200 -1.13 5.06 22.91
N PRO B 201 -1.83 4.34 22.05
CA PRO B 201 -1.81 4.63 20.61
C PRO B 201 -2.81 5.69 20.15
N VAL B 202 -3.43 6.44 21.06
CA VAL B 202 -4.39 7.48 20.68
C VAL B 202 -3.58 8.77 20.49
N PHE B 203 -2.97 8.91 19.31
CA PHE B 203 -2.13 10.06 19.04
C PHE B 203 -2.98 11.32 18.91
N GLN B 204 -2.31 12.42 18.57
CA GLN B 204 -2.99 13.68 18.29
C GLN B 204 -2.28 14.35 17.13
N LEU B 205 -3.03 14.86 16.17
CA LEU B 205 -2.40 15.44 14.98
C LEU B 205 -1.54 16.66 15.34
N GLY B 206 -1.78 17.27 16.49
CA GLY B 206 -0.83 18.25 16.99
C GLY B 206 0.48 17.62 17.41
N TYR B 207 0.43 16.43 18.02
CA TYR B 207 1.62 15.71 18.46
C TYR B 207 2.01 14.61 17.48
N VAL B 208 1.73 14.81 16.19
CA VAL B 208 2.36 14.02 15.14
C VAL B 208 3.07 14.88 14.12
N VAL B 209 2.67 16.14 13.96
CA VAL B 209 3.31 17.05 13.03
C VAL B 209 4.37 17.85 13.78
N GLN B 210 4.12 18.15 15.06
CA GLN B 210 5.07 18.94 15.82
C GLN B 210 6.40 18.22 15.99
N GLU B 211 6.36 16.92 16.31
CA GLU B 211 7.59 16.15 16.40
C GLU B 211 8.16 15.78 15.03
N SER B 212 7.40 16.01 13.96
CA SER B 212 7.97 15.85 12.63
C SER B 212 8.94 16.96 12.27
N GLY B 213 9.01 18.02 13.06
CA GLY B 213 9.87 19.14 12.77
C GLY B 213 9.27 20.19 11.87
N GLN B 214 7.99 20.11 11.55
CA GLN B 214 7.30 21.09 10.73
C GLN B 214 6.13 21.67 11.51
N ASN B 215 6.06 22.99 11.57
CA ASN B 215 4.99 23.66 12.30
C ASN B 215 3.66 23.45 11.59
N PHE B 216 2.59 23.34 12.39
CA PHE B 216 1.25 23.16 11.84
C PHE B 216 0.64 24.45 11.31
N SER B 217 1.26 25.61 11.59
CA SER B 217 0.71 26.87 11.09
C SER B 217 0.70 26.92 9.57
N THR B 218 1.80 26.49 8.95
CA THR B 218 1.93 26.50 7.49
C THR B 218 1.74 25.13 6.87
N LEU B 219 1.51 24.09 7.69
CA LEU B 219 1.28 22.76 7.13
C LEU B 219 -0.13 22.62 6.57
N ALA B 220 -1.11 23.28 7.19
CA ALA B 220 -2.49 23.17 6.76
C ALA B 220 -2.85 24.13 5.64
N GLU B 221 -1.99 25.11 5.33
CA GLU B 221 -2.30 26.05 4.26
C GLU B 221 -2.24 25.37 2.91
N LYS B 222 -1.20 24.56 2.66
CA LYS B 222 -1.01 23.92 1.37
C LYS B 222 -0.76 22.42 1.51
N GLY B 223 -1.06 21.84 2.66
CA GLY B 223 -0.87 20.41 2.85
C GLY B 223 0.57 20.04 3.13
N GLY B 224 0.79 18.76 3.31
CA GLY B 224 2.12 18.27 3.63
C GLY B 224 2.12 16.76 3.73
N VAL B 225 3.27 16.22 4.14
CA VAL B 225 3.44 14.78 4.29
C VAL B 225 4.08 14.50 5.63
N VAL B 226 3.58 13.48 6.32
CA VAL B 226 4.10 13.04 7.61
C VAL B 226 4.25 11.53 7.58
N GLY B 227 5.33 11.03 8.17
CA GLY B 227 5.55 9.59 8.22
C GLY B 227 5.71 9.03 9.62
N ILE B 228 4.99 7.94 9.91
CA ILE B 228 5.09 7.24 11.18
C ILE B 228 5.61 5.83 10.89
N THR B 229 6.50 5.34 11.74
CA THR B 229 7.21 4.09 11.47
C THR B 229 6.64 2.89 12.23
N ILE B 230 6.55 2.99 13.55
CA ILE B 230 6.09 1.87 14.39
C ILE B 230 6.90 0.62 14.08
N ASP B 231 8.18 0.60 14.44
CA ASP B 231 9.03 -0.54 14.18
C ASP B 231 9.06 -1.45 15.40
N TRP B 232 8.80 -2.73 15.19
CA TRP B 232 8.70 -3.71 16.27
C TRP B 232 10.06 -4.40 16.41
N HIS B 233 10.88 -3.93 17.33
CA HIS B 233 12.19 -4.51 17.63
C HIS B 233 12.05 -5.28 18.94
N CYS B 234 11.71 -6.56 18.83
CA CYS B 234 11.45 -7.39 20.00
C CYS B 234 12.49 -8.49 20.10
N ASP B 235 13.03 -8.69 21.31
CA ASP B 235 14.01 -9.75 21.53
C ASP B 235 13.41 -11.12 21.30
N LEU B 236 12.18 -11.35 21.78
CA LEU B 236 11.40 -12.56 21.56
C LEU B 236 12.07 -13.82 22.10
N ASP B 237 13.15 -13.68 22.87
CA ASP B 237 13.86 -14.84 23.38
C ASP B 237 13.73 -14.98 24.89
N TRP B 238 14.17 -13.98 25.65
CA TRP B 238 14.06 -14.03 27.11
C TRP B 238 12.81 -13.32 27.61
N HIS B 239 11.66 -13.61 27.00
CA HIS B 239 10.40 -12.98 27.38
C HIS B 239 9.29 -13.56 26.52
N VAL B 240 8.05 -13.23 26.89
CA VAL B 240 6.90 -13.36 26.03
C VAL B 240 6.25 -12.02 25.73
N ARG B 241 6.14 -11.16 26.75
CA ARG B 241 5.82 -9.75 26.60
C ARG B 241 7.08 -8.99 26.25
N HIS B 242 7.06 -7.66 26.41
CA HIS B 242 8.19 -6.78 26.07
C HIS B 242 8.36 -6.64 24.56
N CYS B 243 7.27 -6.75 23.81
CA CYS B 243 7.26 -6.48 22.38
C CYS B 243 6.68 -5.11 22.06
N ARG B 244 6.76 -4.18 23.01
CA ARG B 244 6.14 -2.87 22.81
C ARG B 244 6.85 -2.12 21.69
N PRO B 245 6.11 -1.62 20.70
CA PRO B 245 6.75 -0.91 19.58
C PRO B 245 7.18 0.49 20.00
N ILE B 246 8.13 1.03 19.26
CA ILE B 246 8.56 2.41 19.43
C ILE B 246 8.17 3.20 18.20
N TYR B 247 7.80 4.46 18.41
CA TYR B 247 7.31 5.34 17.37
C TYR B 247 8.33 6.44 17.10
N GLU B 248 8.56 6.73 15.81
CA GLU B 248 9.50 7.79 15.42
C GLU B 248 8.91 8.49 14.20
N PHE B 249 8.20 9.59 14.44
CA PHE B 249 7.54 10.34 13.38
C PHE B 249 8.59 11.05 12.56
N HIS B 250 8.96 10.47 11.42
CA HIS B 250 10.00 11.04 10.58
C HIS B 250 9.51 12.32 9.92
N GLY B 251 10.43 13.28 9.78
CA GLY B 251 10.07 14.55 9.19
C GLY B 251 9.59 14.42 7.76
N LEU B 252 10.28 13.60 6.97
CA LEU B 252 9.95 13.36 5.57
C LEU B 252 9.90 14.68 4.79
N TYR B 253 11.07 15.32 4.72
CA TYR B 253 11.29 16.56 4.00
C TYR B 253 10.64 17.74 4.72
N GLU B 254 11.30 18.89 4.71
CA GLU B 254 10.78 20.10 5.32
C GLU B 254 9.80 20.80 4.38
N GLU B 255 9.29 21.95 4.80
CA GLU B 255 8.31 22.70 4.03
C GLU B 255 9.02 23.59 3.01
N LYS B 256 8.28 24.53 2.43
CA LYS B 256 8.77 25.51 1.45
C LYS B 256 9.27 24.76 0.22
N ASN B 257 10.25 25.33 -0.49
CA ASN B 257 10.86 24.76 -1.69
C ASN B 257 9.85 24.69 -2.83
N LEU B 258 10.28 24.12 -3.96
CA LEU B 258 9.44 24.08 -5.15
C LEU B 258 8.31 23.09 -4.97
N SER B 259 7.10 23.49 -5.35
CA SER B 259 5.90 22.67 -5.24
C SER B 259 5.68 22.16 -3.82
N PRO B 260 5.45 23.03 -2.85
CA PRO B 260 5.31 22.60 -1.47
C PRO B 260 3.97 21.91 -1.22
N GLY B 261 3.94 21.09 -0.19
CA GLY B 261 2.69 20.48 0.21
C GLY B 261 2.19 19.44 -0.77
N PHE B 262 0.90 19.13 -0.64
CA PHE B 262 0.29 18.07 -1.42
C PHE B 262 -1.21 18.33 -1.48
N ASN B 263 -1.72 18.59 -2.69
CA ASN B 263 -3.13 18.85 -2.89
C ASN B 263 -3.65 18.03 -4.06
N PHE B 264 -4.91 17.64 -3.97
CA PHE B 264 -5.53 16.84 -5.01
C PHE B 264 -6.92 17.39 -5.29
N ARG B 265 -7.66 16.73 -6.17
CA ARG B 265 -9.01 17.15 -6.49
C ARG B 265 -9.93 15.93 -6.52
N PHE B 266 -11.12 16.08 -5.96
CA PHE B 266 -12.11 15.01 -5.98
C PHE B 266 -13.48 15.63 -6.21
N ALA B 267 -14.46 14.78 -6.50
CA ALA B 267 -15.78 15.30 -6.84
C ALA B 267 -16.84 14.29 -6.45
N ARG B 268 -18.00 14.81 -6.05
CA ARG B 268 -19.17 14.01 -5.74
C ARG B 268 -20.31 14.42 -6.66
N HIS B 269 -20.92 13.46 -7.33
CA HIS B 269 -21.97 13.73 -8.29
C HIS B 269 -23.34 13.57 -7.65
N PHE B 270 -24.32 14.25 -8.23
CA PHE B 270 -25.71 14.15 -7.77
C PHE B 270 -26.62 14.61 -8.90
N VAL B 271 -27.91 14.33 -8.73
CA VAL B 271 -28.94 14.73 -9.69
C VAL B 271 -29.93 15.62 -8.97
N GLU B 272 -30.22 16.77 -9.56
CA GLU B 272 -31.12 17.76 -8.96
C GLU B 272 -32.44 17.88 -9.71
N ASN B 273 -32.42 18.14 -11.00
CA ASN B 273 -33.64 18.36 -11.77
C ASN B 273 -33.56 17.61 -13.09
N GLY B 274 -33.02 16.39 -13.06
CA GLY B 274 -32.82 15.63 -14.26
C GLY B 274 -31.56 15.95 -15.02
N THR B 275 -30.75 16.90 -14.54
CA THR B 275 -29.49 17.27 -15.16
C THR B 275 -28.35 16.89 -14.23
N ASN B 276 -27.37 16.16 -14.77
CA ASN B 276 -26.22 15.74 -13.98
C ASN B 276 -25.44 16.95 -13.48
N TYR B 277 -25.10 16.94 -12.20
CA TYR B 277 -24.33 17.99 -11.57
C TYR B 277 -23.06 17.40 -10.99
N ARG B 278 -22.27 18.25 -10.32
CA ARG B 278 -21.01 17.80 -9.75
C ARG B 278 -20.50 18.83 -8.75
N HIS B 279 -20.18 18.37 -7.55
CA HIS B 279 -19.50 19.18 -6.55
C HIS B 279 -18.01 18.84 -6.59
N LEU B 280 -17.19 19.82 -6.91
CA LEU B 280 -15.76 19.61 -7.09
C LEU B 280 -14.99 20.30 -5.97
N PHE B 281 -14.16 19.54 -5.27
CA PHE B 281 -13.34 20.05 -4.18
C PHE B 281 -11.88 19.91 -4.55
N LYS B 282 -11.11 20.95 -4.29
CA LYS B 282 -9.65 20.88 -4.28
C LYS B 282 -9.21 20.82 -2.83
N VAL B 283 -8.45 19.80 -2.47
CA VAL B 283 -8.14 19.50 -1.08
C VAL B 283 -6.64 19.63 -0.86
N PHE B 284 -6.26 20.47 0.10
CA PHE B 284 -4.90 20.56 0.61
C PHE B 284 -4.89 19.85 1.96
N GLY B 285 -4.67 18.54 1.94
CA GLY B 285 -4.74 17.74 3.14
C GLY B 285 -3.40 17.08 3.45
N ILE B 286 -3.15 16.88 4.75
CA ILE B 286 -1.94 16.19 5.17
C ILE B 286 -2.01 14.74 4.73
N ARG B 287 -0.84 14.14 4.49
CA ARG B 287 -0.76 12.74 4.14
C ARG B 287 0.04 12.02 5.21
N PHE B 288 -0.55 10.97 5.78
CA PHE B 288 0.10 10.16 6.79
C PHE B 288 0.45 8.80 6.21
N ASP B 289 1.71 8.41 6.34
CA ASP B 289 2.20 7.11 5.91
C ASP B 289 2.67 6.33 7.13
N ILE B 290 2.23 5.07 7.24
CA ILE B 290 2.59 4.21 8.35
C ILE B 290 3.25 2.97 7.76
N LEU B 291 4.57 2.91 7.84
CA LEU B 291 5.33 1.78 7.32
C LEU B 291 6.16 1.17 8.45
N VAL B 292 5.99 -0.13 8.67
CA VAL B 292 6.55 -0.79 9.84
C VAL B 292 7.60 -1.80 9.40
N ASP B 293 8.43 -2.22 10.36
CA ASP B 293 9.46 -3.21 10.14
C ASP B 293 9.83 -3.84 11.47
N GLY B 294 10.48 -4.99 11.40
CA GLY B 294 10.89 -5.70 12.60
C GLY B 294 11.86 -6.81 12.27
N LYS B 295 12.58 -7.25 13.30
CA LYS B 295 13.57 -8.31 13.13
C LYS B 295 13.23 -9.56 13.94
N ALA B 296 13.04 -9.44 15.25
CA ALA B 296 12.78 -10.57 16.13
C ALA B 296 13.92 -11.59 16.11
N GLY B 297 13.76 -12.68 16.86
CA GLY B 297 14.77 -13.70 16.91
C GLY B 297 14.56 -14.71 18.03
N LYS B 298 14.92 -15.97 17.80
CA LYS B 298 14.70 -17.01 18.78
C LYS B 298 15.87 -17.98 18.76
N PHE B 299 16.01 -18.72 19.86
CA PHE B 299 17.11 -19.67 20.01
C PHE B 299 16.97 -20.79 18.99
N ASP B 300 18.02 -20.99 18.18
CA ASP B 300 18.09 -22.12 17.26
C ASP B 300 19.50 -22.69 17.30
N ILE B 301 19.59 -24.01 17.16
CA ILE B 301 20.87 -24.68 17.38
C ILE B 301 21.79 -24.58 16.16
N ILE B 302 21.22 -24.64 14.95
CA ILE B 302 22.05 -24.56 13.74
C ILE B 302 22.83 -23.26 13.66
N PRO B 303 22.23 -22.07 13.81
CA PRO B 303 23.05 -20.86 13.80
C PRO B 303 24.06 -20.82 14.93
N THR B 304 23.72 -21.36 16.11
CA THR B 304 24.68 -21.38 17.20
C THR B 304 25.91 -22.20 16.82
N MET B 305 25.70 -23.37 16.21
CA MET B 305 26.83 -24.18 15.78
C MET B 305 27.64 -23.47 14.69
N THR B 306 26.96 -22.80 13.76
CA THR B 306 27.68 -22.12 12.69
C THR B 306 28.58 -21.02 13.24
N THR B 307 28.05 -20.20 14.14
CA THR B 307 28.88 -19.14 14.71
C THR B 307 29.93 -19.67 15.67
N ILE B 308 29.69 -20.81 16.32
CA ILE B 308 30.76 -21.39 17.14
C ILE B 308 31.89 -21.89 16.25
N GLY B 309 31.56 -22.45 15.09
CA GLY B 309 32.60 -22.83 14.14
C GLY B 309 33.35 -21.64 13.60
N SER B 310 32.62 -20.56 13.29
CA SER B 310 33.27 -19.34 12.82
C SER B 310 34.19 -18.77 13.90
N GLY B 311 33.75 -18.83 15.17
CA GLY B 311 34.60 -18.36 16.26
C GLY B 311 35.85 -19.20 16.42
N ILE B 312 35.73 -20.52 16.30
CA ILE B 312 36.91 -21.36 16.42
C ILE B 312 37.86 -21.11 15.24
N GLY B 313 37.31 -20.83 14.06
CA GLY B 313 38.16 -20.48 12.93
C GLY B 313 38.87 -19.16 13.14
N ILE B 314 38.17 -18.18 13.69
CA ILE B 314 38.78 -16.88 13.99
C ILE B 314 39.88 -17.04 15.04
N PHE B 315 39.63 -17.88 16.04
CA PHE B 315 40.66 -18.13 17.05
C PHE B 315 41.90 -18.79 16.44
N GLY B 316 41.69 -19.76 15.54
CA GLY B 316 42.82 -20.37 14.86
C GLY B 316 43.59 -19.38 14.01
N VAL B 317 42.87 -18.50 13.29
CA VAL B 317 43.51 -17.49 12.48
C VAL B 317 44.32 -16.53 13.35
N ALA B 318 43.75 -16.13 14.49
CA ALA B 318 44.46 -15.23 15.40
C ALA B 318 45.71 -15.89 15.96
N THR B 319 45.63 -17.17 16.32
CA THR B 319 46.80 -17.89 16.80
C THR B 319 47.87 -17.97 15.71
N VAL B 320 47.46 -18.22 14.47
CA VAL B 320 48.41 -18.27 13.37
C VAL B 320 49.08 -16.92 13.18
N LEU B 321 48.30 -15.84 13.24
CA LEU B 321 48.86 -14.50 13.09
C LEU B 321 49.84 -14.18 14.21
N CYS B 322 49.50 -14.55 15.44
CA CYS B 322 50.40 -14.32 16.56
C CYS B 322 51.69 -15.11 16.41
N ASP B 323 51.60 -16.36 15.97
CA ASP B 323 52.79 -17.17 15.75
C ASP B 323 53.66 -16.56 14.66
N LEU B 324 53.04 -16.08 13.57
CA LEU B 324 53.80 -15.46 12.49
C LEU B 324 54.47 -14.18 12.97
N LEU B 325 53.77 -13.37 13.77
CA LEU B 325 54.35 -12.14 14.29
C LEU B 325 55.52 -12.44 15.23
N LEU B 326 55.39 -13.47 16.06
CA LEU B 326 56.48 -13.82 16.97
C LEU B 326 57.73 -14.23 16.21
N LEU B 327 57.58 -14.99 15.15
CA LEU B 327 58.71 -15.42 14.33
C LEU B 327 59.20 -14.30 13.43
N VAL C 2 49.48 -42.48 7.39
CA VAL C 2 50.33 -41.41 7.91
C VAL C 2 50.07 -40.12 7.17
N GLY C 3 51.07 -39.63 6.44
CA GLY C 3 50.90 -38.41 5.68
C GLY C 3 49.88 -38.55 4.56
N VAL C 4 49.91 -39.68 3.86
CA VAL C 4 48.95 -39.92 2.79
C VAL C 4 47.53 -40.02 3.36
N ILE C 5 47.38 -40.72 4.49
CA ILE C 5 46.07 -40.86 5.10
C ILE C 5 45.56 -39.49 5.56
N PHE C 6 46.44 -38.68 6.17
CA PHE C 6 46.03 -37.35 6.61
C PHE C 6 45.64 -36.47 5.43
N ARG C 7 46.41 -36.54 4.34
CA ARG C 7 46.06 -35.76 3.15
C ARG C 7 44.72 -36.20 2.57
N LEU C 8 44.47 -37.51 2.53
CA LEU C 8 43.18 -37.99 2.03
C LEU C 8 42.04 -37.53 2.93
N ILE C 9 42.25 -37.58 4.25
CA ILE C 9 41.21 -37.13 5.18
C ILE C 9 40.93 -35.65 4.99
N GLN C 10 41.98 -34.83 4.82
CA GLN C 10 41.80 -33.41 4.60
C GLN C 10 41.06 -33.14 3.29
N LEU C 11 41.41 -33.88 2.23
CA LEU C 11 40.72 -33.71 0.95
C LEU C 11 39.25 -34.08 1.06
N VAL C 12 38.95 -35.18 1.78
CA VAL C 12 37.57 -35.60 1.95
C VAL C 12 36.80 -34.56 2.76
N VAL C 13 37.43 -34.00 3.80
CA VAL C 13 36.77 -32.97 4.60
C VAL C 13 36.48 -31.73 3.75
N LEU C 14 37.45 -31.33 2.93
CA LEU C 14 37.23 -30.17 2.06
C LEU C 14 36.12 -30.43 1.05
N VAL C 15 36.09 -31.64 0.47
CA VAL C 15 35.04 -31.97 -0.49
C VAL C 15 33.68 -31.94 0.18
N TYR C 16 33.58 -32.48 1.40
CA TYR C 16 32.33 -32.43 2.14
C TYR C 16 31.93 -30.98 2.45
N VAL C 17 32.91 -30.14 2.77
CA VAL C 17 32.61 -28.74 3.09
C VAL C 17 32.04 -28.03 1.87
N ILE C 18 32.68 -28.21 0.70
CA ILE C 18 32.18 -27.55 -0.50
C ILE C 18 30.82 -28.11 -0.90
N GLY C 19 30.61 -29.42 -0.70
CA GLY C 19 29.30 -29.99 -0.98
C GLY C 19 28.22 -29.41 -0.08
N TRP C 20 28.53 -29.24 1.21
CA TRP C 20 27.58 -28.63 2.13
C TRP C 20 27.27 -27.19 1.74
N VAL C 21 28.30 -26.40 1.43
CA VAL C 21 28.08 -25.00 1.11
C VAL C 21 27.41 -24.83 -0.26
N PHE C 22 27.50 -25.84 -1.12
CA PHE C 22 26.85 -25.76 -2.42
C PHE C 22 25.40 -26.23 -2.37
N LEU C 23 25.11 -27.28 -1.61
CA LEU C 23 23.79 -27.86 -1.56
C LEU C 23 22.96 -27.39 -0.37
N TYR C 24 23.50 -26.50 0.47
CA TYR C 24 22.76 -25.96 1.59
C TYR C 24 22.53 -24.46 1.49
N GLU C 25 23.60 -23.68 1.31
CA GLU C 25 23.48 -22.24 1.23
C GLU C 25 23.27 -21.72 -0.18
N LYS C 26 23.34 -22.59 -1.19
CA LYS C 26 23.18 -22.21 -2.59
C LYS C 26 24.13 -21.08 -2.96
N GLY C 27 25.44 -21.36 -2.84
CA GLY C 27 26.43 -20.33 -3.06
C GLY C 27 26.53 -19.90 -4.52
N TYR C 28 26.15 -20.77 -5.44
CA TYR C 28 26.22 -20.46 -6.86
C TYR C 28 24.92 -19.83 -7.37
N GLN C 29 24.43 -18.82 -6.66
CA GLN C 29 23.17 -18.18 -7.00
C GLN C 29 23.27 -16.70 -6.64
N THR C 30 22.54 -15.87 -7.38
CA THR C 30 22.50 -14.43 -7.16
C THR C 30 21.08 -14.07 -6.70
N SER C 31 20.86 -14.09 -5.39
CA SER C 31 19.54 -13.79 -4.85
C SER C 31 19.15 -12.35 -5.18
N SER C 32 17.91 -12.18 -5.61
CA SER C 32 17.37 -10.87 -5.94
C SER C 32 15.92 -10.80 -5.50
N GLY C 33 15.44 -9.57 -5.28
CA GLY C 33 14.08 -9.34 -4.90
C GLY C 33 13.13 -9.45 -6.07
N LEU C 34 11.90 -8.98 -5.86
CA LEU C 34 10.90 -9.04 -6.90
C LEU C 34 9.96 -7.84 -6.77
N ILE C 35 9.38 -7.44 -7.89
CA ILE C 35 8.33 -6.44 -7.92
C ILE C 35 7.02 -7.14 -8.22
N SER C 36 5.91 -6.54 -7.79
CA SER C 36 4.65 -7.26 -7.82
C SER C 36 3.48 -6.31 -8.02
N SER C 37 2.35 -6.90 -8.44
CA SER C 37 1.09 -6.19 -8.54
C SER C 37 -0.04 -7.20 -8.40
N VAL C 38 -1.13 -6.79 -7.77
CA VAL C 38 -2.28 -7.67 -7.53
C VAL C 38 -3.54 -7.00 -8.06
N SER C 39 -4.54 -7.84 -8.33
CA SER C 39 -5.84 -7.37 -8.82
C SER C 39 -6.91 -8.29 -8.24
N VAL C 40 -7.54 -7.84 -7.16
CA VAL C 40 -8.48 -8.67 -6.41
C VAL C 40 -9.89 -8.43 -6.93
N LYS C 41 -10.59 -9.52 -7.25
CA LYS C 41 -11.96 -9.42 -7.76
C LYS C 41 -12.86 -10.32 -6.92
N LEU C 42 -13.82 -9.71 -6.22
CA LEU C 42 -14.77 -10.45 -5.40
C LEU C 42 -16.06 -10.66 -6.16
N LYS C 43 -16.64 -11.84 -5.99
CA LYS C 43 -17.93 -12.16 -6.61
C LYS C 43 -18.85 -12.76 -5.57
N GLY C 44 -20.08 -12.26 -5.53
CA GLY C 44 -21.05 -12.75 -4.57
C GLY C 44 -22.22 -11.79 -4.49
N LEU C 45 -23.21 -12.21 -3.70
CA LEU C 45 -24.44 -11.44 -3.57
C LEU C 45 -25.02 -11.69 -2.19
N ALA C 46 -25.52 -10.62 -1.57
CA ALA C 46 -26.14 -10.73 -0.25
C ALA C 46 -27.36 -9.84 -0.21
N VAL C 47 -28.35 -10.24 0.58
CA VAL C 47 -29.61 -9.53 0.70
C VAL C 47 -29.87 -9.25 2.18
N THR C 48 -30.26 -8.02 2.49
CA THR C 48 -30.56 -7.62 3.85
C THR C 48 -31.99 -7.12 3.93
N GLN C 49 -32.73 -7.58 4.94
CA GLN C 49 -34.11 -7.15 5.11
C GLN C 49 -34.18 -5.80 5.81
N LEU C 50 -33.56 -5.69 6.99
CA LEU C 50 -33.52 -4.48 7.82
C LEU C 50 -34.89 -4.15 8.37
N PRO C 51 -34.98 -3.52 9.54
CA PRO C 51 -36.29 -3.12 10.08
C PRO C 51 -36.94 -1.96 9.34
N GLY C 52 -36.35 -1.47 8.25
CA GLY C 52 -36.94 -0.42 7.46
C GLY C 52 -37.99 -0.86 6.47
N LEU C 53 -38.29 -2.16 6.43
CA LEU C 53 -39.30 -2.77 5.56
C LEU C 53 -38.95 -2.68 4.09
N GLY C 54 -37.74 -2.23 3.75
CA GLY C 54 -37.30 -2.19 2.38
C GLY C 54 -36.10 -3.08 2.14
N PRO C 55 -36.30 -4.18 1.41
CA PRO C 55 -35.18 -5.09 1.13
C PRO C 55 -34.08 -4.40 0.34
N GLN C 56 -32.83 -4.76 0.66
CA GLN C 56 -31.67 -4.22 -0.01
C GLN C 56 -30.81 -5.35 -0.54
N VAL C 57 -30.20 -5.14 -1.70
CA VAL C 57 -29.33 -6.11 -2.34
C VAL C 57 -27.95 -5.49 -2.49
N TRP C 58 -26.95 -6.11 -1.88
CA TRP C 58 -25.57 -5.60 -1.90
C TRP C 58 -24.80 -6.32 -3.01
N ASP C 59 -24.50 -5.57 -4.07
CA ASP C 59 -23.97 -6.15 -5.30
C ASP C 59 -22.45 -6.31 -5.18
N VAL C 60 -21.80 -6.57 -6.31
CA VAL C 60 -20.36 -6.80 -6.34
C VAL C 60 -19.61 -5.57 -5.87
N ALA C 61 -20.03 -4.39 -6.32
CA ALA C 61 -19.35 -3.13 -6.00
C ALA C 61 -20.03 -2.37 -4.87
N ASP C 62 -20.70 -3.07 -3.97
CA ASP C 62 -21.39 -2.43 -2.85
C ASP C 62 -20.81 -2.76 -1.49
N TYR C 63 -20.18 -3.92 -1.32
CA TYR C 63 -19.57 -4.25 -0.03
C TYR C 63 -18.06 -4.03 -0.01
N VAL C 64 -17.34 -4.42 -1.05
CA VAL C 64 -15.88 -4.23 -1.09
C VAL C 64 -15.64 -2.77 -1.41
N PHE C 65 -15.10 -2.03 -0.45
CA PHE C 65 -15.08 -0.57 -0.60
C PHE C 65 -13.93 -0.09 -1.48
N PRO C 66 -12.68 -0.47 -1.24
CA PRO C 66 -11.68 -0.07 -2.24
C PRO C 66 -11.86 -0.94 -3.48
N ALA C 67 -12.87 -0.58 -4.28
CA ALA C 67 -13.35 -1.48 -5.33
C ALA C 67 -12.44 -1.45 -6.53
N GLN C 68 -11.15 -1.62 -6.31
CA GLN C 68 -10.19 -1.85 -7.37
C GLN C 68 -9.06 -2.77 -6.97
N GLY C 69 -9.09 -3.32 -5.76
CA GLY C 69 -7.99 -4.12 -5.26
C GLY C 69 -7.17 -3.42 -4.20
N ASP C 70 -5.98 -2.95 -4.58
CA ASP C 70 -5.06 -2.22 -3.71
C ASP C 70 -4.50 -3.08 -2.59
N ASN C 71 -4.64 -4.40 -2.68
CA ASN C 71 -4.05 -5.37 -1.77
C ASN C 71 -4.34 -5.08 -0.30
N SER C 72 -5.32 -4.21 -0.04
CA SER C 72 -5.79 -3.98 1.33
C SER C 72 -7.21 -3.44 1.23
N PHE C 73 -8.20 -4.30 1.44
CA PHE C 73 -9.59 -3.95 1.22
C PHE C 73 -10.43 -4.52 2.34
N VAL C 74 -11.66 -3.99 2.45
CA VAL C 74 -12.60 -4.38 3.49
C VAL C 74 -13.84 -4.93 2.82
N VAL C 75 -14.22 -6.15 3.20
CA VAL C 75 -15.46 -6.76 2.72
C VAL C 75 -16.51 -6.58 3.81
N MET C 76 -17.43 -5.65 3.59
CA MET C 76 -18.40 -5.30 4.62
C MET C 76 -19.23 -6.50 5.02
N THR C 77 -19.38 -6.71 6.33
CA THR C 77 -20.23 -7.78 6.85
C THR C 77 -21.28 -7.30 7.83
N ASN C 78 -21.19 -6.08 8.34
CA ASN C 78 -22.24 -5.56 9.22
C ASN C 78 -22.30 -4.05 9.06
N PHE C 79 -23.44 -3.48 9.44
CA PHE C 79 -23.60 -2.03 9.34
C PHE C 79 -24.73 -1.59 10.25
N ILE C 80 -24.74 -0.29 10.54
CA ILE C 80 -25.80 0.34 11.31
C ILE C 80 -26.19 1.60 10.54
N VAL C 81 -27.19 1.49 9.68
CA VAL C 81 -27.58 2.61 8.82
C VAL C 81 -28.29 3.66 9.65
N THR C 82 -27.89 4.92 9.47
CA THR C 82 -28.57 6.06 10.08
C THR C 82 -28.87 7.03 8.96
N PRO C 83 -29.94 6.80 8.21
CA PRO C 83 -30.18 7.55 6.97
C PRO C 83 -30.86 8.89 7.24
N LYS C 84 -30.87 9.73 6.20
CA LYS C 84 -31.53 11.03 6.21
C LYS C 84 -30.97 11.91 7.32
N GLN C 85 -29.69 12.25 7.19
CA GLN C 85 -29.01 13.16 8.11
C GLN C 85 -28.87 14.52 7.47
N THR C 86 -29.04 15.57 8.28
CA THR C 86 -28.94 16.94 7.77
C THR C 86 -28.47 17.85 8.89
N GLN C 87 -27.96 19.02 8.50
CA GLN C 87 -27.48 19.99 9.47
C GLN C 87 -28.65 20.58 10.25
N GLY C 88 -28.50 20.63 11.56
CA GLY C 88 -29.54 21.19 12.42
C GLY C 88 -29.09 21.14 13.86
N TYR C 89 -29.90 21.75 14.72
CA TYR C 89 -29.67 21.78 16.16
C TYR C 89 -30.47 20.65 16.78
N CYS C 90 -29.79 19.59 17.21
CA CYS C 90 -30.47 18.42 17.76
C CYS C 90 -29.67 17.86 18.93
N ALA C 91 -30.28 16.89 19.62
CA ALA C 91 -29.72 16.39 20.85
C ALA C 91 -28.48 15.53 20.59
N GLU C 92 -27.63 15.44 21.62
CA GLU C 92 -26.36 14.74 21.55
C GLU C 92 -26.51 13.31 22.08
N HIS C 93 -25.54 12.47 21.72
CA HIS C 93 -25.51 11.10 22.20
C HIS C 93 -25.09 11.07 23.68
N PRO C 94 -25.63 10.13 24.47
CA PRO C 94 -25.30 10.04 25.90
C PRO C 94 -23.90 9.46 26.15
N GLU C 95 -22.91 9.98 25.45
CA GLU C 95 -21.52 9.60 25.67
C GLU C 95 -20.58 10.79 25.80
N GLY C 96 -20.99 11.98 25.38
CA GLY C 96 -20.16 13.16 25.52
C GLY C 96 -20.52 13.99 26.74
N GLY C 97 -21.62 13.65 27.40
CA GLY C 97 -22.04 14.39 28.57
C GLY C 97 -23.44 14.01 28.98
N ILE C 98 -23.81 14.46 30.17
CA ILE C 98 -25.15 14.27 30.73
C ILE C 98 -25.70 15.64 31.10
N CYS C 99 -26.92 15.92 30.66
CA CYS C 99 -27.55 17.22 30.86
C CYS C 99 -28.34 17.19 32.17
N LYS C 100 -27.71 17.66 33.24
CA LYS C 100 -28.42 17.77 34.52
C LYS C 100 -29.42 18.92 34.50
N GLU C 101 -29.04 20.04 33.89
CA GLU C 101 -29.91 21.21 33.76
C GLU C 101 -29.38 22.04 32.60
N ASP C 102 -29.96 23.23 32.42
CA ASP C 102 -29.54 24.09 31.33
C ASP C 102 -28.13 24.63 31.52
N SER C 103 -27.62 24.64 32.74
CA SER C 103 -26.27 25.12 33.03
C SER C 103 -25.23 24.02 33.03
N GLY C 104 -25.63 22.76 32.78
CA GLY C 104 -24.68 21.67 32.79
C GLY C 104 -23.85 21.51 31.55
N CYS C 105 -24.14 22.26 30.49
CA CYS C 105 -23.41 22.18 29.25
C CYS C 105 -23.01 23.58 28.79
N THR C 106 -21.85 23.67 28.17
CA THR C 106 -21.28 24.94 27.74
C THR C 106 -20.88 24.86 26.27
N PRO C 107 -20.86 25.99 25.56
CA PRO C 107 -20.40 25.96 24.16
C PRO C 107 -18.97 25.47 24.05
N GLY C 108 -18.71 24.73 22.98
CA GLY C 108 -17.39 24.17 22.75
C GLY C 108 -17.49 22.95 21.86
N LYS C 109 -16.34 22.29 21.69
CA LYS C 109 -16.25 21.09 20.87
C LYS C 109 -16.03 19.84 21.69
N ALA C 110 -16.19 19.91 23.02
CA ALA C 110 -16.09 18.77 23.92
C ALA C 110 -14.74 18.07 23.86
N LYS C 111 -13.69 18.80 23.50
CA LYS C 111 -12.31 18.31 23.55
C LYS C 111 -12.10 17.06 22.69
N ARG C 112 -12.00 15.90 23.32
CA ARG C 112 -11.53 14.70 22.65
C ARG C 112 -12.46 14.22 21.54
N LYS C 113 -13.66 13.78 21.89
CA LYS C 113 -14.60 13.23 20.94
C LYS C 113 -15.73 14.22 20.75
N ALA C 114 -15.92 14.67 19.51
CA ALA C 114 -16.90 15.71 19.20
C ALA C 114 -17.92 15.16 18.22
N GLN C 115 -19.20 15.49 18.48
CA GLN C 115 -20.28 15.15 17.59
C GLN C 115 -21.03 16.37 17.09
N GLY C 116 -20.68 17.56 17.56
CA GLY C 116 -21.32 18.78 17.09
C GLY C 116 -20.92 19.98 17.92
N ILE C 117 -21.12 21.18 17.37
CA ILE C 117 -20.78 22.42 18.07
C ILE C 117 -21.86 22.66 19.12
N ARG C 118 -21.51 22.48 20.38
CA ARG C 118 -22.48 22.64 21.46
C ARG C 118 -22.92 24.09 21.57
N THR C 119 -24.23 24.29 21.74
CA THR C 119 -24.80 25.62 21.89
C THR C 119 -25.03 26.00 23.34
N GLY C 120 -25.43 25.05 24.19
CA GLY C 120 -25.68 25.29 25.60
C GLY C 120 -27.06 24.86 26.05
N LYS C 121 -28.06 25.01 25.19
CA LYS C 121 -29.43 24.67 25.54
C LYS C 121 -29.56 23.16 25.76
N CYS C 122 -30.50 22.79 26.63
CA CYS C 122 -30.77 21.40 26.96
C CYS C 122 -32.05 20.97 26.25
N VAL C 123 -31.97 19.89 25.47
CA VAL C 123 -33.11 19.36 24.74
C VAL C 123 -33.27 17.89 25.09
N ALA C 124 -34.49 17.50 25.43
CA ALA C 124 -34.76 16.13 25.84
C ALA C 124 -34.53 15.15 24.69
N PHE C 125 -33.89 14.03 25.01
CA PHE C 125 -33.64 12.97 24.04
C PHE C 125 -34.04 11.67 24.73
N ASN C 126 -34.73 10.80 23.99
CA ASN C 126 -35.23 9.51 24.49
C ASN C 126 -36.26 9.81 25.57
N ASP C 127 -36.12 9.32 26.78
CA ASP C 127 -37.13 9.59 27.80
C ASP C 127 -36.58 10.21 29.06
N THR C 128 -35.41 9.76 29.53
CA THR C 128 -34.89 10.20 30.81
C THR C 128 -33.49 10.80 30.68
N VAL C 129 -32.74 10.33 29.68
CA VAL C 129 -31.31 10.66 29.63
C VAL C 129 -31.08 12.12 29.30
N LYS C 130 -31.84 12.66 28.35
CA LYS C 130 -31.67 14.02 27.86
C LYS C 130 -30.29 14.17 27.23
N THR C 131 -29.88 15.42 26.97
CA THR C 131 -28.59 15.72 26.36
C THR C 131 -28.47 17.23 26.20
N CYS C 132 -27.32 17.66 25.69
CA CYS C 132 -27.08 19.04 25.32
C CYS C 132 -27.20 19.22 23.82
N GLU C 133 -27.79 20.33 23.39
CA GLU C 133 -28.00 20.60 21.98
C GLU C 133 -26.68 20.79 21.25
N ILE C 134 -26.60 20.27 20.04
CA ILE C 134 -25.42 20.44 19.18
C ILE C 134 -25.89 20.76 17.77
N PHE C 135 -25.14 21.61 17.08
CA PHE C 135 -25.40 21.95 15.69
C PHE C 135 -24.53 21.07 14.80
N GLY C 136 -25.17 20.19 14.03
CA GLY C 136 -24.44 19.26 13.20
C GLY C 136 -25.41 18.31 12.52
N TRP C 137 -24.88 17.16 12.11
CA TRP C 137 -25.73 16.13 11.54
C TRP C 137 -26.78 15.72 12.57
N CYS C 138 -28.06 15.96 12.27
CA CYS C 138 -29.07 15.97 13.33
C CYS C 138 -29.31 14.58 13.92
N PRO C 139 -29.81 13.59 13.17
CA PRO C 139 -30.09 12.30 13.82
C PRO C 139 -28.81 11.56 14.14
N VAL C 140 -28.41 11.58 15.40
CA VAL C 140 -27.11 11.03 15.79
C VAL C 140 -27.14 9.52 15.71
N GLU C 141 -25.97 8.93 15.41
CA GLU C 141 -25.87 7.49 15.27
C GLU C 141 -26.02 6.79 16.62
N VAL C 142 -26.62 5.61 16.59
CA VAL C 142 -26.80 4.78 17.78
C VAL C 142 -26.17 3.43 17.47
N ASP C 143 -24.91 3.25 17.86
CA ASP C 143 -24.16 2.03 17.59
C ASP C 143 -24.17 1.06 18.77
N ASP C 144 -25.00 1.33 19.78
CA ASP C 144 -25.05 0.44 20.94
C ASP C 144 -25.56 -0.95 20.56
N ASP C 145 -26.55 -1.02 19.68
CA ASP C 145 -27.18 -2.29 19.31
C ASP C 145 -26.53 -2.82 18.04
N ILE C 146 -25.41 -3.51 18.21
CA ILE C 146 -24.77 -4.20 17.09
C ILE C 146 -25.60 -5.40 16.70
N PRO C 147 -25.94 -5.58 15.42
CA PRO C 147 -26.84 -6.68 15.04
C PRO C 147 -26.21 -8.06 15.23
N ARG C 148 -26.73 -8.81 16.19
CA ARG C 148 -26.21 -10.15 16.44
C ARG C 148 -26.35 -11.10 15.26
N PRO C 149 -27.50 -11.17 14.53
CA PRO C 149 -27.57 -12.10 13.40
C PRO C 149 -26.59 -11.79 12.27
N ALA C 150 -25.82 -10.72 12.43
CA ALA C 150 -24.72 -10.29 11.57
C ALA C 150 -25.19 -9.74 10.23
N LEU C 151 -26.50 -9.70 9.96
CA LEU C 151 -27.05 -9.07 8.77
C LEU C 151 -26.44 -9.67 7.51
N LEU C 152 -25.40 -9.02 6.97
CA LEU C 152 -24.66 -9.54 5.82
C LEU C 152 -23.72 -10.66 6.26
N ARG C 153 -24.32 -11.74 6.76
CA ARG C 153 -23.58 -12.89 7.24
C ARG C 153 -23.32 -13.93 6.16
N GLU C 154 -23.96 -13.83 5.00
CA GLU C 154 -23.76 -14.79 3.94
C GLU C 154 -22.52 -14.45 3.13
N ALA C 155 -21.40 -14.21 3.82
CA ALA C 155 -20.12 -13.97 3.18
C ALA C 155 -19.22 -15.19 3.22
N GLU C 156 -19.75 -16.35 3.61
CA GLU C 156 -19.00 -17.60 3.58
C GLU C 156 -18.99 -18.24 2.20
N ASN C 157 -19.38 -17.51 1.16
CA ASN C 157 -19.38 -18.07 -0.19
C ASN C 157 -18.85 -17.13 -1.25
N PHE C 158 -18.46 -15.91 -0.90
CA PHE C 158 -17.91 -14.98 -1.89
C PHE C 158 -16.57 -15.51 -2.40
N THR C 159 -16.35 -15.40 -3.71
CA THR C 159 -15.07 -15.79 -4.29
C THR C 159 -14.16 -14.59 -4.42
N LEU C 160 -12.86 -14.82 -4.27
CA LEU C 160 -11.83 -13.81 -4.09
C LEU C 160 -10.73 -13.96 -5.13
N PHE C 161 -11.10 -13.97 -6.40
CA PHE C 161 -10.14 -14.21 -7.47
C PHE C 161 -8.95 -13.26 -7.36
N ILE C 162 -7.77 -13.81 -7.13
CA ILE C 162 -6.54 -13.04 -6.95
C ILE C 162 -5.69 -13.23 -8.20
N LYS C 163 -5.38 -12.11 -8.86
CA LYS C 163 -4.61 -12.11 -10.10
C LYS C 163 -3.27 -11.44 -9.79
N ASN C 164 -2.32 -12.23 -9.30
CA ASN C 164 -1.03 -11.73 -8.88
C ASN C 164 -0.02 -11.88 -10.01
N SER C 165 0.66 -10.79 -10.34
CA SER C 165 1.70 -10.79 -11.36
C SER C 165 2.97 -10.23 -10.75
N ILE C 166 4.06 -11.00 -10.80
CA ILE C 166 5.33 -10.57 -10.25
C ILE C 166 6.39 -10.64 -11.33
N SER C 167 7.47 -9.89 -11.10
CA SER C 167 8.55 -9.80 -12.05
C SER C 167 9.87 -9.70 -11.31
N PHE C 168 10.85 -10.49 -11.75
CA PHE C 168 12.22 -10.40 -11.24
C PHE C 168 13.02 -9.61 -12.26
N PRO C 169 13.48 -8.41 -11.92
CA PRO C 169 14.09 -7.54 -12.94
C PRO C 169 15.52 -7.92 -13.32
N ARG C 170 16.31 -8.39 -12.35
CA ARG C 170 17.71 -8.68 -12.64
C ARG C 170 17.85 -9.77 -13.69
N PHE C 171 17.07 -10.84 -13.56
CA PHE C 171 17.02 -11.88 -14.58
C PHE C 171 16.02 -11.56 -15.68
N LYS C 172 15.23 -10.50 -15.50
CA LYS C 172 14.22 -10.07 -16.47
C LYS C 172 13.27 -11.22 -16.80
N VAL C 173 12.57 -11.69 -15.76
CA VAL C 173 11.59 -12.75 -15.91
C VAL C 173 10.27 -12.29 -15.33
N ASN C 174 9.18 -12.69 -15.98
CA ASN C 174 7.84 -12.28 -15.60
C ASN C 174 6.99 -13.52 -15.36
N ARG C 175 6.28 -13.56 -14.24
CA ARG C 175 5.39 -14.67 -13.94
C ARG C 175 4.09 -14.12 -13.38
N ARG C 176 3.04 -14.94 -13.44
CA ARG C 176 1.72 -14.55 -12.99
C ARG C 176 1.18 -15.62 -12.05
N ASN C 177 0.11 -15.27 -11.33
CA ASN C 177 -0.52 -16.23 -10.45
C ASN C 177 -1.13 -17.39 -11.21
N LEU C 178 -1.71 -17.13 -12.38
CA LEU C 178 -2.36 -18.18 -13.15
C LEU C 178 -1.32 -19.10 -13.78
N VAL C 179 -0.97 -20.17 -13.06
CA VAL C 179 -0.01 -21.13 -13.59
C VAL C 179 -0.53 -21.74 -14.88
N GLU C 180 0.38 -22.07 -15.79
CA GLU C 180 -0.01 -22.54 -17.11
C GLU C 180 -0.90 -23.77 -17.04
N GLU C 181 -0.82 -24.54 -15.95
CA GLU C 181 -1.74 -25.67 -15.78
C GLU C 181 -3.17 -25.18 -15.64
N VAL C 182 -3.39 -24.10 -14.88
CA VAL C 182 -4.74 -23.59 -14.67
C VAL C 182 -5.22 -22.91 -15.95
N ASN C 183 -6.39 -23.33 -16.42
CA ASN C 183 -6.94 -22.78 -17.66
C ASN C 183 -8.40 -22.41 -17.49
N ALA C 184 -9.06 -22.04 -18.59
CA ALA C 184 -10.45 -21.60 -18.51
C ALA C 184 -11.37 -22.73 -18.04
N ALA C 185 -11.04 -23.98 -18.37
CA ALA C 185 -11.86 -25.10 -17.94
C ALA C 185 -11.82 -25.30 -16.42
N HIS C 186 -10.81 -24.74 -15.74
CA HIS C 186 -10.73 -24.84 -14.30
C HIS C 186 -11.33 -23.64 -13.59
N MET C 187 -11.24 -22.45 -14.19
CA MET C 187 -11.76 -21.25 -13.56
C MET C 187 -13.29 -21.25 -13.50
N LYS C 188 -13.94 -22.08 -14.31
CA LYS C 188 -15.40 -22.17 -14.23
C LYS C 188 -15.85 -22.69 -12.87
N THR C 189 -15.14 -23.68 -12.33
CA THR C 189 -15.45 -24.20 -10.99
C THR C 189 -14.17 -24.73 -10.36
N CYS C 190 -13.49 -23.86 -9.61
CA CYS C 190 -12.33 -24.26 -8.81
C CYS C 190 -12.47 -23.62 -7.44
N LEU C 191 -12.10 -24.37 -6.41
CA LEU C 191 -12.09 -23.88 -5.04
C LEU C 191 -10.72 -24.17 -4.45
N PHE C 192 -10.08 -23.14 -3.91
CA PHE C 192 -8.72 -23.31 -3.41
C PHE C 192 -8.71 -24.17 -2.17
N HIS C 193 -7.87 -25.21 -2.19
CA HIS C 193 -7.67 -26.08 -1.04
C HIS C 193 -6.17 -26.32 -0.88
N LYS C 194 -5.73 -26.41 0.37
CA LYS C 194 -4.30 -26.48 0.65
C LYS C 194 -3.65 -27.76 0.15
N THR C 195 -4.43 -28.81 -0.11
CA THR C 195 -3.87 -30.09 -0.54
C THR C 195 -4.35 -30.54 -1.90
N LEU C 196 -5.65 -30.41 -2.19
CA LEU C 196 -6.20 -30.96 -3.42
C LEU C 196 -6.07 -30.00 -4.61
N HIS C 197 -6.42 -28.72 -4.42
CA HIS C 197 -6.34 -27.72 -5.48
C HIS C 197 -5.53 -26.53 -4.96
N PRO C 198 -4.21 -26.65 -4.91
CA PRO C 198 -3.37 -25.58 -4.34
C PRO C 198 -2.86 -24.55 -5.34
N LEU C 199 -3.34 -24.54 -6.58
CA LEU C 199 -2.80 -23.65 -7.61
C LEU C 199 -3.77 -22.59 -8.10
N CYS C 200 -5.04 -22.94 -8.30
CA CYS C 200 -5.98 -21.92 -8.75
C CYS C 200 -6.19 -20.89 -7.64
N PRO C 201 -6.40 -19.62 -8.01
CA PRO C 201 -6.37 -18.54 -7.01
C PRO C 201 -7.30 -18.75 -5.82
N VAL C 202 -6.98 -18.12 -4.69
CA VAL C 202 -7.61 -18.41 -3.42
C VAL C 202 -9.03 -17.86 -3.39
N PHE C 203 -10.00 -18.74 -3.16
CA PHE C 203 -11.42 -18.42 -3.28
C PHE C 203 -12.12 -18.63 -1.94
N GLN C 204 -13.41 -18.31 -1.92
CA GLN C 204 -14.34 -18.73 -0.86
C GLN C 204 -13.91 -18.21 0.51
N LEU C 205 -14.04 -16.90 0.69
CA LEU C 205 -13.85 -16.32 2.01
C LEU C 205 -14.74 -17.02 3.02
N GLY C 206 -14.16 -17.36 4.16
CA GLY C 206 -14.91 -17.99 5.23
C GLY C 206 -14.83 -19.50 5.26
N TYR C 207 -14.33 -20.13 4.20
CA TYR C 207 -14.21 -21.58 4.17
C TYR C 207 -12.77 -22.04 4.06
N VAL C 208 -11.97 -21.45 3.18
CA VAL C 208 -10.57 -21.82 3.07
C VAL C 208 -9.71 -20.55 3.06
N VAL C 209 -10.26 -19.44 3.53
CA VAL C 209 -9.50 -18.22 3.77
C VAL C 209 -9.53 -17.81 5.23
N GLN C 210 -10.70 -17.88 5.86
CA GLN C 210 -10.83 -17.57 7.27
C GLN C 210 -10.50 -18.75 8.17
N GLU C 211 -10.19 -19.91 7.60
CA GLU C 211 -9.77 -21.06 8.40
C GLU C 211 -8.27 -20.99 8.67
N SER C 212 -7.89 -19.91 9.33
CA SER C 212 -6.52 -19.65 9.76
C SER C 212 -6.45 -19.51 11.28
N GLY C 213 -7.06 -20.44 12.00
CA GLY C 213 -7.26 -20.25 13.43
C GLY C 213 -8.23 -19.13 13.75
N GLN C 214 -9.30 -19.03 12.97
CA GLN C 214 -10.32 -18.00 13.16
C GLN C 214 -11.65 -18.54 12.66
N ASN C 215 -12.73 -17.98 13.20
CA ASN C 215 -14.08 -18.46 12.91
C ASN C 215 -14.92 -17.30 12.39
N PHE C 216 -15.58 -17.53 11.27
CA PHE C 216 -16.37 -16.48 10.65
C PHE C 216 -17.50 -16.03 11.55
N SER C 217 -18.03 -16.94 12.38
CA SER C 217 -19.09 -16.62 13.33
C SER C 217 -18.85 -15.30 14.05
N THR C 218 -17.67 -15.14 14.66
CA THR C 218 -17.36 -13.92 15.41
C THR C 218 -16.38 -12.99 14.69
N LEU C 219 -15.90 -13.34 13.50
CA LEU C 219 -15.06 -12.43 12.73
C LEU C 219 -15.86 -11.54 11.79
N ALA C 220 -17.17 -11.71 11.71
CA ALA C 220 -18.04 -10.85 10.91
C ALA C 220 -19.05 -10.06 11.73
N GLU C 221 -19.34 -10.48 12.96
CA GLU C 221 -20.25 -9.71 13.80
C GLU C 221 -19.65 -8.37 14.17
N LYS C 222 -18.34 -8.33 14.44
CA LYS C 222 -17.66 -7.09 14.83
C LYS C 222 -16.42 -6.83 13.98
N GLY C 223 -16.26 -7.52 12.85
CA GLY C 223 -15.14 -7.28 11.97
C GLY C 223 -13.88 -7.99 12.43
N GLY C 224 -12.86 -7.93 11.57
CA GLY C 224 -11.62 -8.60 11.87
C GLY C 224 -10.60 -8.33 10.78
N VAL C 225 -9.42 -8.94 10.95
CA VAL C 225 -8.30 -8.75 10.04
C VAL C 225 -7.78 -10.13 9.65
N VAL C 226 -7.52 -10.33 8.36
CA VAL C 226 -6.95 -11.56 7.84
C VAL C 226 -5.82 -11.20 6.88
N GLY C 227 -4.70 -11.90 6.99
CA GLY C 227 -3.56 -11.65 6.13
C GLY C 227 -3.19 -12.82 5.24
N ILE C 228 -3.23 -12.63 3.93
CA ILE C 228 -2.86 -13.65 2.96
C ILE C 228 -1.48 -13.29 2.43
N THR C 229 -0.50 -14.15 2.66
CA THR C 229 0.85 -13.93 2.17
C THR C 229 1.15 -14.94 1.06
N ILE C 230 1.72 -14.43 -0.03
CA ILE C 230 2.00 -15.21 -1.23
C ILE C 230 3.51 -15.26 -1.39
N ASP C 231 4.08 -16.45 -1.26
CA ASP C 231 5.53 -16.64 -1.33
C ASP C 231 5.92 -17.20 -2.69
N TRP C 232 6.84 -16.52 -3.36
CA TRP C 232 7.40 -16.94 -4.64
C TRP C 232 8.84 -17.38 -4.38
N HIS C 233 9.01 -18.65 -4.02
CA HIS C 233 10.32 -19.23 -3.73
C HIS C 233 10.64 -20.20 -4.86
N CYS C 234 11.39 -19.72 -5.86
CA CYS C 234 11.75 -20.56 -6.99
C CYS C 234 13.08 -20.10 -7.55
N ASP C 235 13.74 -21.00 -8.29
CA ASP C 235 15.03 -20.74 -8.89
C ASP C 235 14.93 -20.89 -10.40
N LEU C 236 15.58 -19.99 -11.12
CA LEU C 236 15.55 -20.00 -12.58
C LEU C 236 16.58 -20.96 -13.17
N ASP C 237 17.31 -21.70 -12.34
CA ASP C 237 18.21 -22.71 -12.87
C ASP C 237 17.44 -23.75 -13.69
N TRP C 238 16.29 -24.19 -13.19
CA TRP C 238 15.43 -25.09 -13.91
C TRP C 238 14.57 -24.30 -14.89
N HIS C 239 13.57 -24.95 -15.48
CA HIS C 239 12.64 -24.26 -16.36
C HIS C 239 11.79 -23.29 -15.55
N VAL C 240 11.27 -22.27 -16.24
CA VAL C 240 10.41 -21.29 -15.57
C VAL C 240 9.10 -21.90 -15.13
N ARG C 241 8.72 -23.06 -15.69
CA ARG C 241 7.46 -23.69 -15.33
C ARG C 241 7.43 -24.09 -13.86
N HIS C 242 8.56 -24.54 -13.32
CA HIS C 242 8.62 -24.97 -11.93
C HIS C 242 8.82 -23.79 -11.00
N CYS C 243 7.94 -22.78 -11.10
CA CYS C 243 7.98 -21.59 -10.25
C CYS C 243 6.53 -21.27 -9.88
N ARG C 244 6.08 -21.86 -8.76
CA ARG C 244 4.71 -21.69 -8.32
C ARG C 244 4.66 -21.10 -6.92
N PRO C 245 3.70 -20.22 -6.64
CA PRO C 245 3.63 -19.58 -5.33
C PRO C 245 2.96 -20.49 -4.31
N ILE C 246 3.14 -20.15 -3.04
CA ILE C 246 2.44 -20.82 -1.95
C ILE C 246 1.73 -19.76 -1.12
N TYR C 247 0.47 -20.01 -0.80
CA TYR C 247 -0.34 -19.08 -0.03
C TYR C 247 -0.40 -19.53 1.43
N GLU C 248 -0.24 -18.57 2.34
CA GLU C 248 -0.39 -18.82 3.77
C GLU C 248 -1.30 -17.77 4.36
N PHE C 249 -2.29 -18.20 5.14
CA PHE C 249 -3.25 -17.30 5.76
C PHE C 249 -2.94 -17.19 7.24
N HIS C 250 -2.87 -15.97 7.73
CA HIS C 250 -2.43 -15.71 9.10
C HIS C 250 -3.62 -15.57 10.05
N GLY C 251 -3.36 -15.79 11.32
CA GLY C 251 -4.37 -15.78 12.36
C GLY C 251 -4.15 -14.69 13.39
N LEU C 252 -3.85 -13.49 12.91
CA LEU C 252 -3.30 -12.40 13.73
C LEU C 252 -3.89 -12.36 15.13
N TYR C 253 -5.22 -12.49 15.25
CA TYR C 253 -5.85 -12.65 16.55
C TYR C 253 -7.26 -13.20 16.35
N GLU C 254 -7.85 -13.69 17.43
CA GLU C 254 -9.18 -14.27 17.39
C GLU C 254 -10.19 -13.47 18.20
N GLU C 255 -9.95 -13.28 19.49
CA GLU C 255 -10.90 -12.61 20.38
C GLU C 255 -10.17 -12.29 21.68
N LYS C 256 -10.93 -11.88 22.70
CA LYS C 256 -10.41 -11.58 24.04
C LYS C 256 -9.41 -10.42 23.99
N ASN C 257 -9.85 -9.31 23.41
CA ASN C 257 -9.05 -8.10 23.33
C ASN C 257 -9.91 -6.91 23.72
N LEU C 258 -9.25 -5.82 24.11
CA LEU C 258 -9.97 -4.65 24.58
C LEU C 258 -10.66 -3.91 23.45
N SER C 259 -10.08 -3.90 22.25
CA SER C 259 -10.66 -3.27 21.08
C SER C 259 -10.68 -4.25 19.93
N PRO C 260 -11.59 -5.22 19.96
CA PRO C 260 -11.58 -6.27 18.94
C PRO C 260 -12.19 -5.79 17.64
N GLY C 261 -11.85 -6.52 16.58
CA GLY C 261 -12.46 -6.24 15.29
C GLY C 261 -11.93 -4.97 14.65
N PHE C 262 -12.67 -4.54 13.62
CA PHE C 262 -12.28 -3.39 12.82
C PHE C 262 -13.53 -2.82 12.17
N ASN C 263 -13.92 -1.61 12.57
CA ASN C 263 -15.09 -0.96 12.00
C ASN C 263 -14.75 0.48 11.64
N PHE C 264 -15.45 0.99 10.64
CA PHE C 264 -15.19 2.34 10.17
C PHE C 264 -16.50 2.98 9.71
N ARG C 265 -16.59 4.29 9.86
CA ARG C 265 -17.76 5.05 9.45
C ARG C 265 -17.52 5.64 8.07
N PHE C 266 -18.50 5.51 7.18
CA PHE C 266 -18.41 6.09 5.85
C PHE C 266 -19.76 6.66 5.47
N ALA C 267 -19.75 7.79 4.77
CA ALA C 267 -20.97 8.50 4.45
C ALA C 267 -21.13 8.65 2.94
N ARG C 268 -22.35 8.43 2.47
CA ARG C 268 -22.71 8.60 1.07
C ARG C 268 -23.67 9.77 0.96
N HIS C 269 -23.29 10.79 0.20
CA HIS C 269 -24.03 12.04 0.14
C HIS C 269 -25.02 12.02 -1.03
N PHE C 270 -26.07 12.81 -0.90
CA PHE C 270 -26.99 13.07 -2.00
C PHE C 270 -27.75 14.36 -1.69
N VAL C 271 -28.57 14.79 -2.64
CA VAL C 271 -29.35 16.01 -2.49
C VAL C 271 -30.81 15.69 -2.78
N GLU C 272 -31.69 16.06 -1.87
CA GLU C 272 -33.13 15.84 -2.00
C GLU C 272 -33.85 17.16 -1.87
N ASN C 273 -34.79 17.42 -2.78
CA ASN C 273 -35.51 18.69 -2.82
C ASN C 273 -34.54 19.84 -2.96
N GLY C 274 -34.17 20.46 -1.85
CA GLY C 274 -33.21 21.54 -1.86
C GLY C 274 -32.24 21.47 -0.69
N THR C 275 -32.09 20.28 -0.11
CA THR C 275 -31.25 20.07 1.06
C THR C 275 -30.31 18.90 0.82
N ASN C 276 -29.11 19.02 1.36
CA ASN C 276 -28.09 17.99 1.24
C ASN C 276 -28.24 17.00 2.39
N TYR C 277 -28.47 15.73 2.04
CA TYR C 277 -28.58 14.65 3.01
C TYR C 277 -27.43 13.68 2.83
N ARG C 278 -27.25 12.81 3.82
CA ARG C 278 -26.23 11.78 3.74
C ARG C 278 -26.71 10.52 4.45
N HIS C 279 -26.23 9.38 3.98
CA HIS C 279 -26.44 8.09 4.62
C HIS C 279 -25.13 7.71 5.30
N LEU C 280 -25.17 7.51 6.61
CA LEU C 280 -23.99 7.17 7.39
C LEU C 280 -24.03 5.69 7.74
N PHE C 281 -22.97 4.97 7.37
CA PHE C 281 -22.85 3.55 7.64
C PHE C 281 -21.69 3.31 8.59
N LYS C 282 -21.94 2.62 9.69
CA LYS C 282 -20.87 2.14 10.55
C LYS C 282 -20.57 0.71 10.12
N VAL C 283 -19.70 0.57 9.12
CA VAL C 283 -19.44 -0.73 8.52
C VAL C 283 -18.45 -1.50 9.40
N PHE C 284 -18.86 -2.68 9.85
CA PHE C 284 -17.95 -3.66 10.45
C PHE C 284 -17.55 -4.62 9.34
N GLY C 285 -16.25 -4.72 9.07
CA GLY C 285 -15.81 -5.51 7.95
C GLY C 285 -14.62 -6.41 8.23
N ILE C 286 -14.09 -7.03 7.17
CA ILE C 286 -12.91 -7.90 7.26
C ILE C 286 -11.84 -7.28 6.39
N ARG C 287 -10.70 -6.95 6.98
CA ARG C 287 -9.61 -6.35 6.25
C ARG C 287 -8.66 -7.45 5.76
N PHE C 288 -8.62 -7.65 4.45
CA PHE C 288 -7.79 -8.67 3.83
C PHE C 288 -6.50 -8.03 3.35
N ASP C 289 -5.41 -8.25 4.06
CA ASP C 289 -4.11 -7.72 3.68
C ASP C 289 -3.40 -8.77 2.83
N ILE C 290 -3.25 -8.50 1.54
CA ILE C 290 -2.58 -9.40 0.61
C ILE C 290 -1.15 -8.91 0.45
N LEU C 291 -0.21 -9.68 0.98
CA LEU C 291 1.21 -9.34 0.94
C LEU C 291 1.97 -10.44 0.22
N VAL C 292 2.76 -10.05 -0.76
CA VAL C 292 3.46 -11.00 -1.62
C VAL C 292 4.95 -10.72 -1.53
N ASP C 293 5.74 -11.78 -1.35
CA ASP C 293 7.18 -11.67 -1.31
C ASP C 293 7.78 -12.92 -1.93
N GLY C 294 9.07 -12.84 -2.27
CA GLY C 294 9.71 -13.98 -2.90
C GLY C 294 11.19 -13.72 -3.09
N LYS C 295 11.86 -14.72 -3.64
CA LYS C 295 13.28 -14.63 -3.92
C LYS C 295 13.64 -15.63 -5.00
N ALA C 296 14.64 -15.27 -5.81
CA ALA C 296 15.09 -16.13 -6.89
C ALA C 296 16.56 -15.87 -7.16
N GLY C 297 17.21 -16.85 -7.79
CA GLY C 297 18.62 -16.72 -8.11
C GLY C 297 18.98 -17.52 -9.35
N LYS C 298 20.14 -17.18 -9.91
CA LYS C 298 20.64 -17.82 -11.12
C LYS C 298 22.12 -18.14 -10.93
N PHE C 299 22.59 -19.13 -11.69
CA PHE C 299 23.99 -19.53 -11.63
C PHE C 299 24.84 -18.53 -12.39
N ASP C 300 25.74 -17.85 -11.67
CA ASP C 300 26.62 -16.86 -12.27
C ASP C 300 28.05 -17.15 -11.86
N ILE C 301 29.00 -16.68 -12.70
CA ILE C 301 30.39 -17.04 -12.52
C ILE C 301 30.99 -16.37 -11.28
N ILE C 302 30.61 -15.11 -11.02
CA ILE C 302 31.18 -14.39 -9.87
C ILE C 302 30.79 -15.04 -8.54
N PRO C 303 29.52 -15.35 -8.27
CA PRO C 303 29.21 -16.01 -6.98
C PRO C 303 29.89 -17.35 -6.81
N THR C 304 29.95 -18.18 -7.85
CA THR C 304 30.60 -19.47 -7.69
C THR C 304 32.11 -19.31 -7.51
N MET C 305 32.72 -18.34 -8.18
CA MET C 305 34.14 -18.10 -7.99
C MET C 305 34.44 -17.65 -6.56
N THR C 306 33.64 -16.70 -6.04
CA THR C 306 33.91 -16.21 -4.70
C THR C 306 33.60 -17.27 -3.64
N THR C 307 32.58 -18.10 -3.87
CA THR C 307 32.30 -19.15 -2.89
C THR C 307 33.34 -20.26 -2.96
N ILE C 308 33.92 -20.52 -4.14
CA ILE C 308 35.01 -21.50 -4.20
C ILE C 308 36.25 -20.94 -3.53
N GLY C 309 36.48 -19.63 -3.63
CA GLY C 309 37.57 -19.03 -2.89
C GLY C 309 37.38 -19.11 -1.38
N SER C 310 36.15 -18.86 -0.92
CA SER C 310 35.85 -19.00 0.50
C SER C 310 36.02 -20.45 0.95
N GLY C 311 35.61 -21.40 0.11
CA GLY C 311 35.81 -22.80 0.44
C GLY C 311 37.28 -23.18 0.52
N ILE C 312 38.09 -22.65 -0.39
CA ILE C 312 39.53 -22.89 -0.31
C ILE C 312 40.10 -22.32 0.98
N GLY C 313 39.67 -21.11 1.35
CA GLY C 313 40.14 -20.51 2.58
C GLY C 313 39.74 -21.31 3.82
N ILE C 314 38.49 -21.77 3.86
CA ILE C 314 38.05 -22.54 5.01
C ILE C 314 38.73 -23.91 5.04
N PHE C 315 39.02 -24.50 3.88
CA PHE C 315 39.77 -25.75 3.86
C PHE C 315 41.18 -25.54 4.39
N GLY C 316 41.82 -24.44 4.02
CA GLY C 316 43.15 -24.15 4.54
C GLY C 316 43.13 -23.93 6.04
N VAL C 317 42.12 -23.20 6.54
CA VAL C 317 42.04 -22.95 7.97
C VAL C 317 41.76 -24.24 8.73
N ALA C 318 40.94 -25.12 8.15
CA ALA C 318 40.71 -26.43 8.77
C ALA C 318 41.98 -27.26 8.79
N THR C 319 42.75 -27.21 7.71
CA THR C 319 44.01 -27.96 7.66
C THR C 319 44.99 -27.46 8.71
N VAL C 320 45.14 -26.15 8.85
CA VAL C 320 46.08 -25.64 9.85
C VAL C 320 45.57 -25.91 11.26
N LEU C 321 44.25 -25.85 11.47
CA LEU C 321 43.71 -26.19 12.78
C LEU C 321 43.97 -27.66 13.12
N CYS C 322 43.81 -28.55 12.13
CA CYS C 322 44.09 -29.96 12.36
C CYS C 322 45.57 -30.19 12.64
N ASP C 323 46.44 -29.48 11.93
CA ASP C 323 47.87 -29.59 12.19
C ASP C 323 48.21 -29.13 13.60
N LEU C 324 47.61 -28.02 14.05
CA LEU C 324 47.83 -27.54 15.40
C LEU C 324 47.32 -28.54 16.43
N LEU C 325 46.16 -29.14 16.17
CA LEU C 325 45.63 -30.15 17.09
C LEU C 325 46.55 -31.36 17.16
N LEU C 326 47.07 -31.80 16.01
CA LEU C 326 47.99 -32.93 16.01
C LEU C 326 49.28 -32.60 16.76
N LEU C 327 49.79 -31.39 16.58
CA LEU C 327 51.00 -30.97 17.30
C LEU C 327 50.75 -30.93 18.80
N HIS C 328 49.57 -30.43 19.21
CA HIS C 328 49.25 -30.40 20.63
C HIS C 328 49.03 -31.80 21.19
N ILE C 329 48.59 -32.75 20.35
CA ILE C 329 48.35 -34.12 20.78
C ILE C 329 49.50 -35.05 20.43
N LEU C 330 50.59 -34.53 19.87
CA LEU C 330 51.74 -35.36 19.51
C LEU C 330 52.49 -35.82 20.75
PG ATP D . -3.52 25.76 -10.67
O1G ATP D . -2.87 25.71 -12.01
O2G ATP D . -3.11 26.98 -9.84
O3G ATP D . -5.05 25.67 -10.72
PB ATP D . -2.63 22.99 -9.96
O1B ATP D . -2.61 22.58 -11.37
O2B ATP D . -3.52 22.15 -9.05
O3B ATP D . -3.07 24.51 -9.78
PA ATP D . -0.55 23.20 -7.87
O1A ATP D . -0.85 22.06 -6.98
O2A ATP D . -1.02 24.57 -7.38
O3A ATP D . -1.18 22.99 -9.31
O5' ATP D . 1.00 23.28 -8.15
C5' ATP D . 1.76 22.08 -8.44
C4' ATP D . 2.45 22.24 -9.77
O4' ATP D . 2.52 20.96 -10.42
C3' ATP D . 1.78 23.21 -10.75
O3' ATP D . 2.69 24.24 -11.17
C2' ATP D . 1.34 22.33 -11.93
O2' ATP D . 1.56 22.97 -13.17
C1' ATP D . 2.28 21.12 -11.80
N9 ATP D . 1.71 19.88 -12.30
C8 ATP D . 1.22 18.85 -11.56
N7 ATP D . 0.78 17.84 -12.28
C5 ATP D . 1.01 18.24 -13.58
C6 ATP D . 0.76 17.62 -14.82
N6 ATP D . 0.21 16.41 -14.96
N1 ATP D . 1.11 18.30 -15.94
C2 ATP D . 1.65 19.51 -15.81
N3 ATP D . 1.93 20.19 -14.69
C4 ATP D . 1.58 19.50 -13.61
C1 CLR E . 37.18 7.18 -0.52
C2 CLR E . 36.49 8.40 -1.12
C3 CLR E . 35.79 9.22 -0.05
C4 CLR E . 36.78 9.61 1.04
C5 CLR E . 37.52 8.42 1.58
C6 CLR E . 37.60 8.22 2.90
C7 CLR E . 38.44 7.16 3.55
C8 CLR E . 39.41 6.51 2.59
C9 CLR E . 38.72 6.23 1.24
C10 CLR E . 38.22 7.53 0.57
C11 CLR E . 39.61 5.38 0.33
C12 CLR E . 40.24 4.14 1.01
C13 CLR E . 40.97 4.50 2.30
C14 CLR E . 39.93 5.21 3.17
C15 CLR E . 40.56 5.26 4.56
C16 CLR E . 41.33 3.93 4.65
C17 CLR E . 41.39 3.32 3.22
C18 CLR E . 42.19 5.38 2.01
C19 CLR E . 39.37 8.33 -0.07
C20 CLR E . 42.73 2.58 3.01
C21 CLR E . 42.81 1.80 1.70
C22 CLR E . 42.99 1.66 4.21
C23 CLR E . 44.45 1.32 4.49
C24 CLR E . 45.21 2.51 5.06
C25 CLR E . 45.36 2.54 6.58
C26 CLR E . 44.15 3.18 7.25
C27 CLR E . 45.62 1.15 7.17
O1 CLR E . 35.22 10.36 -0.67
C1 CLR F . 19.46 -18.84 27.18
C2 CLR F . 18.00 -18.40 27.35
C3 CLR F . 17.92 -17.18 28.24
C4 CLR F . 18.74 -16.05 27.62
C5 CLR F . 20.17 -16.47 27.38
C6 CLR F . 21.16 -15.69 27.81
C7 CLR F . 22.62 -16.00 27.66
C8 CLR F . 22.90 -17.11 26.65
C9 CLR F . 21.85 -18.23 26.77
C10 CLR F . 20.39 -17.75 26.61
C11 CLR F . 22.24 -19.39 25.83
C12 CLR F . 23.65 -19.93 26.08
C13 CLR F . 24.73 -18.85 26.02
C14 CLR F . 24.26 -17.72 26.95
C15 CLR F . 25.47 -16.78 27.02
C16 CLR F . 26.63 -17.77 27.10
C17 CLR F . 26.09 -19.18 26.73
C18 CLR F . 24.92 -18.35 24.59
C19 CLR F . 20.02 -17.50 25.13
C20 CLR F . 27.23 -20.05 26.14
C21 CLR F . 28.26 -19.27 25.33
C22 CLR F . 26.72 -21.27 25.34
C23 CLR F . 27.80 -22.18 24.76
C24 CLR F . 28.65 -22.83 25.84
C25 CLR F . 30.04 -23.29 25.40
C26 CLR F . 29.93 -24.40 24.36
C27 CLR F . 30.87 -22.14 24.84
O1 CLR F . 16.56 -16.83 28.41
PG ATP G . -18.93 4.49 20.28
O1G ATP G . -20.19 3.80 20.69
O2G ATP G . -19.12 5.55 19.19
O3G ATP G . -18.16 5.12 21.44
PB ATP G . -16.76 3.38 18.54
O1B ATP G . -17.29 3.01 17.22
O2B ATP G . -16.02 4.71 18.59
O3B ATP G . -17.90 3.44 19.63
PA ATP G . -14.52 1.45 18.62
O1A ATP G . -14.56 0.04 19.08
O2A ATP G . -14.44 1.62 17.11
O3A ATP G . -15.79 2.27 19.13
O5' ATP G . -13.31 2.21 19.27
C5' ATP G . -12.67 1.72 20.47
C4' ATP G . -12.68 2.81 21.51
O4' ATP G . -11.79 3.87 21.13
C3' ATP G . -14.04 3.48 21.76
O3' ATP G . -14.62 3.01 22.96
C2' ATP G . -13.71 4.98 21.83
O2' ATP G . -14.24 5.56 23.01
C1' ATP G . -12.18 4.99 21.87
N9 ATP G . -11.57 6.19 21.32
C8 ATP G . -11.28 7.34 22.01
N7 ATP G . -10.71 8.27 21.29
C5 ATP G . -10.62 7.70 20.03
C6 ATP G . -10.10 8.17 18.81
N6 ATP G . -9.57 9.39 18.65
N1 ATP G . -10.16 7.35 17.74
C2 ATP G . -10.69 6.13 17.90
N3 ATP G . -11.20 5.57 18.99
C4 ATP G . -11.13 6.42 20.04
PG ATP H . -17.59 -10.94 -15.47
O1G ATP H . -17.98 -11.49 -14.14
O2G ATP H . -18.08 -11.77 -16.65
O3G ATP H . -18.02 -9.49 -15.69
PB ATP H . -14.92 -10.70 -16.74
O1B ATP H . -15.17 -11.54 -17.92
O2B ATP H . -14.82 -9.21 -17.00
O3B ATP H . -16.01 -10.92 -15.62
PA ATP H . -12.13 -11.60 -16.37
O1A ATP H . -11.83 -11.25 -17.77
O2A ATP H . -11.18 -11.02 -15.33
O3A ATP H . -13.60 -11.14 -15.97
O5' ATP H . -12.20 -13.16 -16.15
C5' ATP H . -12.33 -13.72 -14.83
C4' ATP H . -13.01 -15.06 -14.90
O4' ATP H . -13.02 -15.65 -13.59
C3' ATP H . -14.47 -15.02 -15.35
O3' ATP H . -14.81 -16.18 -16.10
C2' ATP H . -15.25 -14.93 -14.03
O2' ATP H . -16.47 -15.65 -14.11
C1' ATP H . -14.32 -15.60 -13.02
N9 ATP H . -14.21 -14.89 -11.75
C8 ATP H . -13.62 -13.67 -11.56
N7 ATP H . -13.66 -13.26 -10.31
C5 ATP H . -14.33 -14.28 -9.64
C6 ATP H . -14.70 -14.45 -8.30
N6 ATP H . -14.42 -13.56 -7.34
N1 ATP H . -15.35 -15.58 -7.97
C2 ATP H . -15.62 -16.47 -8.93
N3 ATP H . -15.32 -16.42 -10.22
C4 ATP H . -14.67 -15.29 -10.53
C1 CLR I . 23.68 -27.01 -13.73
C2 CLR I . 22.26 -26.98 -14.26
C3 CLR I . 21.38 -27.96 -13.51
C4 CLR I . 21.41 -27.60 -12.02
C5 CLR I . 22.81 -27.55 -11.48
C6 CLR I . 23.12 -28.22 -10.37
C7 CLR I . 24.46 -28.22 -9.71
C8 CLR I . 25.39 -27.14 -10.24
C9 CLR I . 25.25 -27.02 -11.77
C10 CLR I . 23.81 -26.69 -12.23
C11 CLR I . 26.32 -26.06 -12.34
C12 CLR I . 27.75 -26.41 -11.91
C13 CLR I . 27.89 -26.48 -10.38
C14 CLR I . 26.83 -27.48 -9.91
C15 CLR I . 27.19 -27.74 -8.44
C16 CLR I . 28.72 -27.73 -8.47
C17 CLR I . 29.18 -27.15 -9.83
C18 CLR I . 27.70 -25.10 -9.74
C19 CLR I . 23.46 -25.21 -11.99
C20 CLR I . 30.48 -26.35 -9.67
C21 CLR I . 31.12 -25.91 -10.99
C22 CLR I . 31.50 -27.16 -8.86
C23 CLR I . 32.21 -28.28 -9.60
C24 CLR I . 33.27 -28.94 -8.73
C25 CLR I . 34.36 -28.01 -8.20
C26 CLR I . 35.25 -28.75 -7.21
C27 CLR I . 35.20 -27.41 -9.32
O1 CLR I . 20.09 -27.92 -14.04
#